data_1F9A
#
_entry.id   1F9A
#
_cell.length_a   78.768
_cell.length_b   112.642
_cell.length_c   79.869
_cell.angle_alpha   90.00
_cell.angle_beta   116.94
_cell.angle_gamma   90.00
#
_symmetry.space_group_name_H-M   'P 1 21 1'
#
loop_
_entity.id
_entity.type
_entity.pdbx_description
1 polymer 'HYPOTHETICAL PROTEIN MJ0541'
2 non-polymer 'MAGNESIUM ION'
3 non-polymer "ADENOSINE-5'-TRIPHOSPHATE"
4 water water
#
_entity_poly.entity_id   1
_entity_poly.type   'polypeptide(L)'
_entity_poly.pdbx_seq_one_letter_code
;LRGFIIGRFQPFHKGHLEVIKKIAEEVDEIIIGIGSAQKSHTLENPFTAGERILMITQSLKDYDLTYYPIPIKDIEFNSI
WVSYVESLTPPFDIVYSGNPLVRVLFEERGYEVKRPEMFNRKEYSGTEIRRRMLNGEKWEHLVPKAVVDVIKEIKGVERL
RKLAQTDK
;
_entity_poly.pdbx_strand_id   A,B,C,D,E,F
#
# COMPACT_ATOMS: atom_id res chain seq x y z
N LEU A 1 -2.45 24.06 -26.19
CA LEU A 1 -1.83 24.09 -24.82
C LEU A 1 -2.64 23.82 -23.57
N ARG A 2 -2.07 23.01 -22.63
CA ARG A 2 -2.70 22.81 -21.33
C ARG A 2 -1.69 23.17 -20.24
N GLY A 3 -2.16 23.93 -19.25
CA GLY A 3 -1.35 24.27 -18.08
C GLY A 3 -1.61 23.36 -16.88
N PHE A 4 -0.67 23.30 -15.96
CA PHE A 4 -0.78 22.47 -14.75
C PHE A 4 -0.38 23.36 -13.58
N ILE A 5 -1.20 23.48 -12.55
CA ILE A 5 -0.85 23.90 -11.21
C ILE A 5 -1.30 22.85 -10.18
N ILE A 6 -0.54 22.86 -9.06
CA ILE A 6 -0.83 21.96 -7.95
C ILE A 6 -0.67 22.72 -6.62
N GLY A 7 -1.61 22.54 -5.73
CA GLY A 7 -1.67 23.10 -4.43
C GLY A 7 -2.47 22.18 -3.50
N ARG A 8 -2.60 22.63 -2.25
CA ARG A 8 -3.52 21.94 -1.34
C ARG A 8 -4.85 22.65 -1.31
N PHE A 9 -4.90 23.99 -1.52
CA PHE A 9 -6.22 24.63 -1.59
C PHE A 9 -7.00 24.38 -0.31
N GLN A 10 -6.49 24.80 0.87
CA GLN A 10 -7.24 24.62 2.10
C GLN A 10 -7.36 25.99 2.79
N PRO A 11 -8.26 26.82 2.26
CA PRO A 11 -9.13 26.45 1.15
C PRO A 11 -8.74 27.22 -0.10
N PHE A 12 -9.24 26.85 -1.28
CA PHE A 12 -9.10 27.74 -2.42
C PHE A 12 -9.39 29.19 -2.06
N HIS A 13 -8.62 30.16 -2.55
CA HIS A 13 -8.74 31.54 -2.11
C HIS A 13 -8.63 32.49 -3.28
N LYS A 14 -8.91 33.78 -3.10
CA LYS A 14 -8.76 34.78 -4.13
C LYS A 14 -7.43 34.85 -4.82
N GLY A 15 -6.33 34.42 -4.19
CA GLY A 15 -5.03 34.49 -4.87
C GLY A 15 -4.86 33.36 -5.90
N HIS A 16 -5.16 32.10 -5.57
CA HIS A 16 -5.49 31.06 -6.53
C HIS A 16 -6.37 31.57 -7.68
N LEU A 17 -7.52 32.16 -7.38
CA LEU A 17 -8.43 32.57 -8.46
C LEU A 17 -7.65 33.46 -9.45
N GLU A 18 -7.03 34.50 -8.90
CA GLU A 18 -6.20 35.36 -9.73
C GLU A 18 -5.10 34.64 -10.48
N VAL A 19 -4.30 33.80 -9.79
CA VAL A 19 -3.23 33.12 -10.56
C VAL A 19 -3.80 32.26 -11.69
N ILE A 20 -4.92 31.59 -11.53
CA ILE A 20 -5.56 30.77 -12.54
C ILE A 20 -6.11 31.66 -13.67
N LYS A 21 -6.83 32.73 -13.38
CA LYS A 21 -7.15 33.70 -14.48
C LYS A 21 -5.90 34.08 -15.26
N LYS A 22 -4.78 34.35 -14.60
CA LYS A 22 -3.59 34.82 -15.31
C LYS A 22 -3.05 33.67 -16.18
N ILE A 23 -3.16 32.47 -15.59
CA ILE A 23 -2.61 31.30 -16.31
C ILE A 23 -3.39 31.20 -17.60
N ALA A 24 -4.69 31.25 -17.50
CA ALA A 24 -5.62 31.07 -18.60
C ALA A 24 -5.41 32.10 -19.71
N GLU A 25 -4.57 33.10 -19.43
CA GLU A 25 -4.19 34.01 -20.52
C GLU A 25 -2.95 33.55 -21.24
N GLU A 26 -2.52 32.33 -20.96
CA GLU A 26 -1.37 31.73 -21.64
C GLU A 26 -1.72 30.42 -22.36
N VAL A 27 -2.82 29.81 -21.96
CA VAL A 27 -3.06 28.37 -22.24
C VAL A 27 -4.56 28.27 -22.38
N ASP A 28 -5.04 27.32 -23.17
CA ASP A 28 -6.42 27.00 -23.43
C ASP A 28 -7.10 26.30 -22.27
N GLU A 29 -6.49 25.36 -21.54
CA GLU A 29 -7.11 24.60 -20.50
C GLU A 29 -6.14 24.46 -19.29
N ILE A 30 -6.75 24.39 -18.10
CA ILE A 30 -5.87 24.33 -16.93
C ILE A 30 -6.21 23.08 -16.08
N ILE A 31 -5.22 22.27 -15.77
CA ILE A 31 -5.38 21.15 -14.83
C ILE A 31 -5.03 21.67 -13.40
N ILE A 32 -5.97 21.44 -12.48
CA ILE A 32 -5.74 21.92 -11.11
C ILE A 32 -5.51 20.68 -10.21
N GLY A 33 -4.25 20.35 -10.05
CA GLY A 33 -3.94 19.12 -9.24
C GLY A 33 -4.16 19.49 -7.75
N ILE A 34 -5.08 18.74 -7.15
CA ILE A 34 -5.32 18.90 -5.73
C ILE A 34 -4.40 17.99 -4.93
N GLY A 35 -3.33 18.58 -4.38
CA GLY A 35 -2.32 17.81 -3.69
C GLY A 35 -2.64 17.47 -2.24
N SER A 36 -1.87 16.51 -1.70
CA SER A 36 -2.22 15.92 -0.40
C SER A 36 -3.65 15.54 -0.30
N ALA A 37 -4.11 14.73 -1.30
CA ALA A 37 -5.56 14.53 -1.41
C ALA A 37 -6.04 13.82 -0.18
N GLN A 38 -5.23 12.89 0.35
CA GLN A 38 -5.64 12.06 1.46
C GLN A 38 -5.58 12.84 2.80
N LYS A 39 -4.93 13.99 2.82
CA LYS A 39 -4.75 14.67 4.15
C LYS A 39 -5.97 15.52 4.47
N SER A 40 -6.69 15.24 5.57
CA SER A 40 -7.77 16.17 5.95
C SER A 40 -7.86 16.13 7.47
N HIS A 41 -8.80 16.89 8.02
CA HIS A 41 -8.91 16.88 9.51
C HIS A 41 -7.62 17.20 10.27
N THR A 42 -6.90 18.18 9.78
CA THR A 42 -5.69 18.71 10.46
C THR A 42 -5.76 20.22 10.42
N LEU A 43 -5.08 20.91 11.36
CA LEU A 43 -4.94 22.37 11.21
C LEU A 43 -4.32 22.91 9.93
N GLU A 44 -3.30 22.33 9.33
CA GLU A 44 -2.81 22.67 8.01
C GLU A 44 -3.62 22.14 6.82
N ASN A 45 -4.25 21.01 6.93
CA ASN A 45 -5.13 20.52 5.86
C ASN A 45 -6.48 20.12 6.46
N PRO A 46 -7.37 21.06 6.70
CA PRO A 46 -8.68 20.78 7.24
C PRO A 46 -9.58 19.93 6.34
N PHE A 47 -9.67 20.22 5.06
CA PHE A 47 -10.70 19.75 4.15
C PHE A 47 -10.27 18.51 3.35
N THR A 48 -11.23 17.65 3.12
CA THR A 48 -10.99 16.44 2.27
C THR A 48 -10.77 16.77 0.83
N ALA A 49 -10.31 15.79 0.03
CA ALA A 49 -10.16 16.07 -1.43
C ALA A 49 -11.49 16.50 -2.06
N GLY A 50 -12.54 15.78 -1.68
CA GLY A 50 -13.88 15.97 -2.23
C GLY A 50 -14.45 17.36 -1.87
N GLU A 51 -14.30 17.74 -0.60
CA GLU A 51 -14.52 19.14 -0.19
C GLU A 51 -13.78 20.17 -0.99
N ARG A 52 -12.49 19.93 -1.29
CA ARG A 52 -11.73 20.82 -2.17
C ARG A 52 -12.18 20.84 -3.61
N ILE A 53 -12.49 19.70 -4.19
CA ILE A 53 -13.01 19.70 -5.59
C ILE A 53 -14.31 20.52 -5.64
N LEU A 54 -15.20 20.38 -4.68
CA LEU A 54 -16.44 21.13 -4.64
C LEU A 54 -16.15 22.65 -4.59
N MET A 55 -15.22 23.03 -3.72
CA MET A 55 -14.89 24.45 -3.58
C MET A 55 -14.39 24.97 -4.90
N ILE A 56 -13.42 24.27 -5.51
CA ILE A 56 -12.81 24.72 -6.74
C ILE A 56 -13.76 24.80 -7.95
N THR A 57 -14.49 23.71 -8.18
CA THR A 57 -15.55 23.74 -9.18
C THR A 57 -16.63 24.78 -9.01
N GLN A 58 -17.16 24.96 -7.82
CA GLN A 58 -18.14 25.99 -7.55
C GLN A 58 -17.56 27.37 -7.81
N SER A 59 -16.31 27.61 -7.41
CA SER A 59 -15.69 28.90 -7.77
C SER A 59 -15.53 29.15 -9.27
N LEU A 60 -15.17 28.13 -10.05
CA LEU A 60 -14.80 28.37 -11.42
C LEU A 60 -15.87 28.10 -12.48
N LYS A 61 -17.08 27.75 -12.08
CA LYS A 61 -17.90 26.96 -13.04
C LYS A 61 -18.43 28.05 -13.98
N ASP A 62 -18.31 29.17 -13.29
CA ASP A 62 -18.58 30.55 -13.61
C ASP A 62 -17.98 31.04 -14.93
N TYR A 63 -16.69 30.82 -15.05
CA TYR A 63 -15.92 31.37 -16.15
C TYR A 63 -15.94 30.55 -17.42
N ASP A 64 -15.65 31.21 -18.55
CA ASP A 64 -15.45 30.50 -19.82
C ASP A 64 -14.02 29.94 -19.70
N LEU A 65 -13.96 28.81 -19.01
CA LEU A 65 -12.66 28.26 -18.60
C LEU A 65 -12.79 26.75 -18.68
N THR A 66 -11.96 26.07 -19.45
CA THR A 66 -11.93 24.62 -19.26
C THR A 66 -10.89 24.23 -18.23
N TYR A 67 -11.34 23.64 -17.11
CA TYR A 67 -10.35 23.25 -16.09
C TYR A 67 -10.67 21.87 -15.55
N TYR A 68 -9.68 21.25 -14.87
CA TYR A 68 -9.90 19.86 -14.45
C TYR A 68 -9.29 19.76 -13.04
N PRO A 69 -10.12 19.73 -12.05
CA PRO A 69 -9.71 19.67 -10.65
C PRO A 69 -9.52 18.19 -10.28
N ILE A 70 -8.27 17.76 -10.14
CA ILE A 70 -7.99 16.31 -10.06
C ILE A 70 -7.16 15.97 -8.79
N PRO A 71 -7.73 15.16 -7.94
CA PRO A 71 -7.13 14.84 -6.61
C PRO A 71 -5.87 14.03 -6.87
N ILE A 72 -4.76 14.55 -6.39
CA ILE A 72 -3.54 13.74 -6.34
C ILE A 72 -3.05 13.57 -4.89
N LYS A 73 -2.86 12.32 -4.52
CA LYS A 73 -2.45 11.80 -3.24
C LYS A 73 -0.95 11.85 -3.05
N ASP A 74 -0.51 12.11 -1.81
CA ASP A 74 0.93 12.08 -1.48
C ASP A 74 1.41 10.65 -1.69
N ILE A 75 2.42 10.40 -2.49
CA ILE A 75 2.81 9.02 -2.74
C ILE A 75 4.20 9.15 -2.17
N GLU A 76 4.88 8.20 -1.66
CA GLU A 76 6.17 8.63 -1.16
C GLU A 76 7.22 8.09 -2.09
N PHE A 77 7.39 8.79 -3.22
CA PHE A 77 8.20 8.21 -4.25
C PHE A 77 8.57 9.13 -5.41
N ASN A 78 9.46 10.07 -5.20
CA ASN A 78 9.63 11.24 -6.02
C ASN A 78 9.91 10.90 -7.46
N SER A 79 10.53 9.72 -7.65
CA SER A 79 11.06 9.40 -8.98
C SER A 79 9.96 8.98 -9.92
N ILE A 80 8.80 8.53 -9.42
CA ILE A 80 7.69 8.18 -10.34
C ILE A 80 6.54 9.19 -10.22
N TRP A 81 6.69 10.28 -9.51
CA TRP A 81 5.53 11.16 -9.19
C TRP A 81 5.05 11.94 -10.44
N VAL A 82 5.94 12.28 -11.36
CA VAL A 82 5.50 12.92 -12.63
C VAL A 82 4.63 11.95 -13.43
N SER A 83 5.06 10.70 -13.58
CA SER A 83 4.26 9.64 -14.14
C SER A 83 2.89 9.40 -13.53
N TYR A 84 2.89 9.36 -12.20
CA TYR A 84 1.63 9.26 -11.47
C TYR A 84 0.76 10.46 -11.86
N VAL A 85 1.25 11.69 -11.80
CA VAL A 85 0.40 12.85 -12.16
C VAL A 85 -0.03 12.69 -13.63
N GLU A 86 0.85 12.26 -14.53
CA GLU A 86 0.46 12.07 -15.93
C GLU A 86 -0.58 10.99 -16.10
N SER A 87 -0.73 9.96 -15.30
CA SER A 87 -1.71 8.91 -15.38
C SER A 87 -3.08 9.51 -15.11
N LEU A 88 -3.13 10.46 -14.17
CA LEU A 88 -4.38 10.93 -13.63
C LEU A 88 -4.96 12.14 -14.39
N THR A 89 -4.24 12.74 -15.29
CA THR A 89 -4.61 14.00 -15.87
C THR A 89 -4.48 13.97 -17.42
N PRO A 90 -5.21 14.84 -18.08
CA PRO A 90 -4.97 15.15 -19.49
C PRO A 90 -3.55 15.63 -19.73
N PRO A 91 -2.99 15.25 -20.86
CA PRO A 91 -1.68 15.77 -21.29
C PRO A 91 -1.50 17.27 -21.22
N PHE A 92 -0.43 17.77 -20.62
CA PHE A 92 -0.17 19.16 -20.40
C PHE A 92 1.24 19.58 -20.80
N ASP A 93 1.41 20.88 -21.01
CA ASP A 93 2.60 21.37 -21.73
C ASP A 93 3.42 22.26 -20.81
N ILE A 94 2.76 22.97 -19.89
CA ILE A 94 3.46 23.95 -19.07
C ILE A 94 3.08 23.81 -17.57
N VAL A 95 4.03 23.82 -16.69
CA VAL A 95 3.86 23.69 -15.25
C VAL A 95 4.14 24.99 -14.49
N TYR A 96 3.10 25.50 -13.81
CA TYR A 96 3.34 26.74 -13.03
C TYR A 96 3.61 26.47 -11.58
N SER A 97 4.87 26.43 -11.16
CA SER A 97 5.14 26.23 -9.73
C SER A 97 6.41 26.95 -9.31
N GLY A 98 6.44 27.45 -8.11
CA GLY A 98 7.65 28.00 -7.52
C GLY A 98 8.27 27.01 -6.55
N ASN A 99 7.65 25.84 -6.39
CA ASN A 99 8.13 24.84 -5.42
C ASN A 99 9.31 24.01 -5.92
N PRO A 100 10.46 23.98 -5.20
CA PRO A 100 11.70 23.61 -5.84
C PRO A 100 11.65 22.12 -6.25
N LEU A 101 10.99 21.29 -5.46
CA LEU A 101 10.89 19.86 -5.75
C LEU A 101 9.95 19.62 -6.94
N VAL A 102 8.77 20.20 -6.98
CA VAL A 102 7.92 20.08 -8.17
C VAL A 102 8.69 20.45 -9.44
N ARG A 103 9.37 21.58 -9.38
CA ARG A 103 10.15 22.12 -10.48
C ARG A 103 11.21 21.13 -10.94
N VAL A 104 11.96 20.60 -9.98
CA VAL A 104 13.09 19.69 -10.33
C VAL A 104 12.53 18.41 -10.96
N LEU A 105 11.39 17.91 -10.47
CA LEU A 105 10.89 16.61 -11.02
C LEU A 105 10.41 16.75 -12.46
N PHE A 106 9.59 17.78 -12.70
CA PHE A 106 9.13 18.15 -14.03
C PHE A 106 10.25 18.57 -14.98
N GLU A 107 11.19 19.43 -14.59
CA GLU A 107 12.26 19.78 -15.52
C GLU A 107 13.13 18.60 -15.92
N GLU A 108 13.25 17.60 -15.03
CA GLU A 108 14.11 16.45 -15.33
C GLU A 108 13.31 15.56 -16.29
N ARG A 109 11.98 15.79 -16.38
CA ARG A 109 11.23 15.02 -17.38
C ARG A 109 11.02 15.83 -18.67
N GLY A 110 11.71 16.93 -18.84
CA GLY A 110 11.59 17.66 -20.11
C GLY A 110 10.44 18.64 -20.14
N TYR A 111 9.83 19.04 -19.02
CA TYR A 111 8.68 19.95 -19.08
C TYR A 111 9.17 21.38 -18.86
N GLU A 112 8.56 22.37 -19.48
CA GLU A 112 8.78 23.77 -19.13
C GLU A 112 8.04 24.13 -17.86
N VAL A 113 8.72 24.81 -16.93
CA VAL A 113 8.18 25.15 -15.63
C VAL A 113 8.31 26.66 -15.39
N LYS A 114 7.20 27.32 -15.08
CA LYS A 114 7.23 28.77 -14.90
C LYS A 114 6.86 29.07 -13.43
N ARG A 115 7.39 30.14 -12.88
CA ARG A 115 6.80 30.76 -11.70
C ARG A 115 5.56 31.61 -11.98
N PRO A 116 4.52 31.37 -11.20
CA PRO A 116 3.31 32.19 -11.25
C PRO A 116 3.55 33.49 -10.48
N GLU A 117 2.87 34.57 -10.78
CA GLU A 117 2.88 35.78 -9.95
C GLU A 117 2.14 35.50 -8.63
N MET A 118 2.67 35.95 -7.51
CA MET A 118 1.87 36.09 -6.30
C MET A 118 0.97 37.34 -6.33
N PHE A 119 -0.25 37.23 -5.86
CA PHE A 119 -1.15 38.33 -5.68
C PHE A 119 -1.48 38.48 -4.19
N ASN A 120 -0.99 39.51 -3.51
CA ASN A 120 -1.58 39.95 -2.24
C ASN A 120 -1.40 38.84 -1.20
N ARG A 121 -0.23 38.22 -1.21
CA ARG A 121 0.12 37.09 -0.39
C ARG A 121 -0.04 37.31 1.11
N LYS A 122 0.07 38.55 1.59
CA LYS A 122 -0.14 38.77 3.02
C LYS A 122 -1.57 38.56 3.45
N GLU A 123 -2.56 38.55 2.58
CA GLU A 123 -3.89 38.07 2.98
C GLU A 123 -4.32 36.76 2.29
N TYR A 124 -4.01 36.66 1.01
CA TYR A 124 -4.41 35.51 0.18
C TYR A 124 -3.46 34.34 0.35
N SER A 125 -3.64 33.59 1.44
CA SER A 125 -2.83 32.41 1.76
C SER A 125 -3.57 31.53 2.76
N GLY A 126 -3.61 30.22 2.46
CA GLY A 126 -4.50 29.34 3.24
C GLY A 126 -4.13 29.47 4.74
N THR A 127 -2.85 29.53 5.01
CA THR A 127 -2.47 29.62 6.47
C THR A 127 -3.10 30.84 7.11
N GLU A 128 -3.09 31.96 6.39
CA GLU A 128 -3.66 33.20 6.93
C GLU A 128 -5.17 33.11 7.09
N ILE A 129 -5.84 32.52 6.08
CA ILE A 129 -7.28 32.27 6.17
C ILE A 129 -7.70 31.27 7.24
N ARG A 130 -6.96 30.21 7.48
CA ARG A 130 -7.26 29.26 8.53
C ARG A 130 -7.05 29.92 9.92
N ARG A 131 -6.01 30.72 10.06
CA ARG A 131 -5.72 31.38 11.33
C ARG A 131 -6.88 32.31 11.63
N ARG A 132 -7.38 33.04 10.63
CA ARG A 132 -8.54 33.89 10.82
C ARG A 132 -9.81 33.18 11.18
N MET A 133 -10.11 32.05 10.49
CA MET A 133 -11.14 31.15 10.91
C MET A 133 -11.02 30.76 12.39
N LEU A 134 -9.88 30.26 12.81
CA LEU A 134 -9.74 29.79 14.19
C LEU A 134 -9.98 30.87 15.23
N ASN A 135 -9.64 32.13 14.93
CA ASN A 135 -9.68 33.15 15.99
C ASN A 135 -10.90 34.03 15.94
N GLY A 136 -11.66 33.95 14.83
CA GLY A 136 -12.97 34.58 14.70
C GLY A 136 -12.89 35.93 14.01
N GLU A 137 -11.82 36.16 13.26
CA GLU A 137 -11.70 37.34 12.42
C GLU A 137 -12.30 37.09 11.04
N LYS A 138 -12.59 38.16 10.28
CA LYS A 138 -13.25 37.99 8.99
C LYS A 138 -12.30 37.47 7.92
N TRP A 139 -12.78 36.47 7.18
CA TRP A 139 -11.95 35.75 6.20
C TRP A 139 -12.75 35.64 4.92
N GLU A 140 -14.07 35.94 4.96
CA GLU A 140 -14.92 35.63 3.83
C GLU A 140 -14.71 36.49 2.60
N HIS A 141 -14.27 37.72 2.76
CA HIS A 141 -13.76 38.52 1.67
C HIS A 141 -12.43 38.09 1.06
N LEU A 142 -11.76 37.10 1.63
CA LEU A 142 -10.51 36.59 1.11
C LEU A 142 -10.62 35.38 0.17
N VAL A 143 -11.81 34.83 0.04
CA VAL A 143 -12.11 33.75 -0.89
C VAL A 143 -13.38 34.01 -1.72
N PRO A 144 -13.59 33.26 -2.80
CA PRO A 144 -14.75 33.48 -3.65
C PRO A 144 -16.01 33.16 -2.85
N LYS A 145 -17.14 33.83 -3.16
CA LYS A 145 -18.33 33.58 -2.37
C LYS A 145 -18.67 32.09 -2.44
N ALA A 146 -18.39 31.44 -3.56
CA ALA A 146 -18.77 30.01 -3.67
C ALA A 146 -18.02 29.16 -2.65
N VAL A 147 -16.78 29.49 -2.34
CA VAL A 147 -16.08 28.90 -1.19
C VAL A 147 -16.67 29.12 0.19
N VAL A 148 -17.15 30.38 0.36
CA VAL A 148 -17.84 30.69 1.64
C VAL A 148 -19.06 29.79 1.82
N ASP A 149 -19.84 29.64 0.74
CA ASP A 149 -21.00 28.75 0.77
C ASP A 149 -20.60 27.32 1.11
N VAL A 150 -19.60 26.80 0.37
CA VAL A 150 -19.11 25.45 0.69
C VAL A 150 -18.69 25.22 2.11
N ILE A 151 -17.84 26.09 2.67
CA ILE A 151 -17.41 26.04 4.05
C ILE A 151 -18.58 26.01 5.02
N LYS A 152 -19.64 26.77 4.77
CA LYS A 152 -20.87 26.71 5.57
C LYS A 152 -21.58 25.35 5.44
N GLU A 153 -21.73 24.87 4.20
CA GLU A 153 -22.37 23.57 3.98
C GLU A 153 -21.69 22.46 4.80
N ILE A 154 -20.36 22.42 4.80
CA ILE A 154 -19.65 21.31 5.41
C ILE A 154 -19.20 21.58 6.84
N LYS A 155 -19.63 22.68 7.40
CA LYS A 155 -19.23 23.23 8.67
C LYS A 155 -17.72 23.19 8.83
N GLY A 156 -17.00 23.81 7.90
CA GLY A 156 -15.55 23.77 7.90
C GLY A 156 -14.94 24.59 9.06
N VAL A 157 -15.58 25.72 9.43
CA VAL A 157 -14.96 26.53 10.51
C VAL A 157 -15.05 25.86 11.85
N GLU A 158 -16.25 25.35 12.19
CA GLU A 158 -16.43 24.48 13.32
C GLU A 158 -15.52 23.26 13.42
N ARG A 159 -15.31 22.53 12.31
CA ARG A 159 -14.25 21.50 12.33
C ARG A 159 -12.89 22.00 12.80
N LEU A 160 -12.34 23.02 12.09
CA LEU A 160 -11.10 23.65 12.50
C LEU A 160 -11.04 24.02 13.99
N ARG A 161 -12.04 24.75 14.48
CA ARG A 161 -12.08 25.09 15.90
C ARG A 161 -12.04 23.93 16.86
N LYS A 162 -12.78 22.87 16.55
CA LYS A 162 -12.74 21.63 17.31
C LYS A 162 -11.36 21.04 17.26
N LEU A 163 -10.63 21.17 16.14
CA LEU A 163 -9.39 20.36 16.00
C LEU A 163 -8.30 21.07 16.83
N ALA A 164 -8.56 22.33 17.07
CA ALA A 164 -7.70 23.22 17.83
C ALA A 164 -8.11 23.23 19.33
N LEU B 1 29.77 -18.55 2.37
CA LEU B 1 29.76 -17.57 3.52
C LEU B 1 29.39 -16.22 2.91
N ARG B 2 28.13 -15.80 3.11
CA ARG B 2 27.80 -14.45 2.63
C ARG B 2 27.55 -13.43 3.73
N GLY B 3 27.92 -12.19 3.40
CA GLY B 3 27.83 -11.10 4.37
C GLY B 3 26.79 -10.09 3.88
N PHE B 4 26.12 -9.42 4.80
CA PHE B 4 25.12 -8.43 4.42
C PHE B 4 25.51 -7.09 5.01
N ILE B 5 25.46 -6.03 4.24
CA ILE B 5 25.54 -4.67 4.80
C ILE B 5 24.41 -3.84 4.16
N ILE B 6 23.95 -2.82 4.84
CA ILE B 6 22.83 -1.99 4.35
C ILE B 6 23.19 -0.53 4.60
N GLY B 7 23.02 0.25 3.52
CA GLY B 7 22.98 1.71 3.75
C GLY B 7 22.28 2.41 2.58
N ARG B 8 22.36 3.73 2.61
CA ARG B 8 21.57 4.55 1.68
C ARG B 8 22.55 4.91 0.54
N PHE B 9 23.85 4.90 0.81
CA PHE B 9 24.81 5.22 -0.27
C PHE B 9 24.41 6.46 -1.08
N GLN B 10 24.27 7.63 -0.46
CA GLN B 10 23.96 8.84 -1.23
C GLN B 10 24.99 9.96 -1.02
N PRO B 11 26.15 9.79 -1.67
CA PRO B 11 26.38 8.65 -2.56
C PRO B 11 27.31 7.63 -1.95
N PHE B 12 27.59 6.56 -2.70
CA PHE B 12 28.61 5.57 -2.33
C PHE B 12 29.95 6.28 -2.27
N HIS B 13 30.72 6.24 -1.18
CA HIS B 13 31.94 7.03 -1.06
C HIS B 13 33.11 6.11 -0.70
N LYS B 14 34.30 6.64 -0.50
CA LYS B 14 35.49 5.84 -0.29
C LYS B 14 35.50 5.09 1.04
N GLY B 15 34.66 5.48 1.99
CA GLY B 15 34.56 4.76 3.26
C GLY B 15 33.81 3.45 3.03
N HIS B 16 32.76 3.50 2.20
CA HIS B 16 32.02 2.34 1.74
C HIS B 16 32.90 1.33 1.04
N LEU B 17 33.64 1.78 0.03
CA LEU B 17 34.71 1.06 -0.63
C LEU B 17 35.73 0.34 0.25
N GLU B 18 36.41 1.03 1.15
CA GLU B 18 37.14 0.36 2.22
C GLU B 18 36.34 -0.68 2.99
N VAL B 19 35.17 -0.32 3.55
CA VAL B 19 34.59 -1.23 4.54
C VAL B 19 34.17 -2.47 3.80
N ILE B 20 33.75 -2.38 2.54
CA ILE B 20 33.44 -3.57 1.74
C ILE B 20 34.65 -4.44 1.31
N LYS B 21 35.78 -3.82 0.92
CA LYS B 21 37.05 -4.58 0.88
C LYS B 21 37.45 -5.28 2.17
N LYS B 22 37.37 -4.67 3.33
CA LYS B 22 37.55 -5.35 4.62
C LYS B 22 36.68 -6.59 4.75
N ILE B 23 35.38 -6.38 4.52
CA ILE B 23 34.36 -7.41 4.76
C ILE B 23 34.64 -8.59 3.83
N ALA B 24 34.91 -8.34 2.56
CA ALA B 24 35.44 -9.30 1.62
C ALA B 24 36.71 -10.06 2.05
N GLU B 25 37.42 -9.70 3.11
CA GLU B 25 38.43 -10.60 3.66
C GLU B 25 37.85 -11.65 4.58
N GLU B 26 36.59 -11.53 5.00
CA GLU B 26 36.01 -12.40 6.01
C GLU B 26 34.98 -13.34 5.42
N VAL B 27 34.52 -13.06 4.21
CA VAL B 27 33.30 -13.69 3.68
C VAL B 27 33.54 -13.90 2.20
N ASP B 28 33.02 -14.92 1.56
CA ASP B 28 33.01 -15.16 0.15
C ASP B 28 32.19 -14.27 -0.79
N GLU B 29 31.08 -13.71 -0.32
CA GLU B 29 30.20 -12.85 -1.11
C GLU B 29 29.51 -11.78 -0.27
N ILE B 30 29.20 -10.61 -0.87
CA ILE B 30 28.65 -9.52 -0.07
C ILE B 30 27.32 -9.07 -0.67
N ILE B 31 26.29 -9.06 0.19
CA ILE B 31 25.01 -8.52 -0.35
C ILE B 31 24.99 -7.06 0.06
N ILE B 32 24.94 -6.14 -0.88
CA ILE B 32 24.89 -4.71 -0.52
C ILE B 32 23.40 -4.30 -0.64
N GLY B 33 22.69 -4.28 0.45
CA GLY B 33 21.33 -3.71 0.51
C GLY B 33 21.34 -2.20 0.35
N ILE B 34 20.63 -1.68 -0.66
CA ILE B 34 20.48 -0.25 -0.87
C ILE B 34 19.14 0.23 -0.28
N GLY B 35 19.21 0.72 0.95
CA GLY B 35 18.06 0.99 1.78
C GLY B 35 17.36 2.23 1.24
N SER B 36 16.17 2.57 1.76
CA SER B 36 15.54 3.82 1.23
C SER B 36 15.50 3.82 -0.27
N ALA B 37 15.14 2.65 -0.88
CA ALA B 37 15.24 2.49 -2.32
C ALA B 37 14.24 3.42 -3.05
N GLN B 38 13.10 3.71 -2.44
CA GLN B 38 12.13 4.60 -3.09
C GLN B 38 12.40 6.07 -2.82
N LYS B 39 13.43 6.38 -2.00
CA LYS B 39 13.60 7.82 -1.63
C LYS B 39 14.59 8.41 -2.63
N SER B 40 14.25 9.53 -3.29
CA SER B 40 15.18 10.23 -4.15
C SER B 40 14.73 11.69 -4.29
N HIS B 41 15.58 12.51 -4.86
CA HIS B 41 15.29 13.94 -4.99
C HIS B 41 14.93 14.59 -3.65
N THR B 42 15.71 14.25 -2.63
CA THR B 42 15.62 15.10 -1.37
C THR B 42 17.03 15.48 -0.99
N LEU B 43 17.26 16.33 0.00
CA LEU B 43 18.59 16.71 0.43
C LEU B 43 19.31 15.61 1.21
N GLU B 44 18.60 14.61 1.72
CA GLU B 44 19.28 13.52 2.43
C GLU B 44 19.42 12.35 1.47
N ASN B 45 18.50 12.22 0.50
CA ASN B 45 18.51 11.11 -0.46
C ASN B 45 18.38 11.57 -1.90
N PRO B 46 19.46 12.08 -2.48
CA PRO B 46 19.31 12.82 -3.76
C PRO B 46 19.00 11.81 -4.88
N PHE B 47 19.56 10.61 -4.78
CA PHE B 47 19.72 9.70 -5.91
C PHE B 47 18.72 8.56 -5.85
N THR B 48 18.18 8.18 -7.01
CA THR B 48 17.33 6.98 -7.11
C THR B 48 17.99 5.63 -6.91
N ALA B 49 17.23 4.54 -6.67
CA ALA B 49 17.83 3.22 -6.45
C ALA B 49 18.69 2.88 -7.67
N GLY B 50 18.14 3.09 -8.85
CA GLY B 50 18.91 2.70 -10.06
C GLY B 50 20.16 3.53 -10.29
N GLU B 51 20.11 4.83 -10.00
CA GLU B 51 21.33 5.63 -9.88
C GLU B 51 22.32 5.03 -8.89
N ARG B 52 21.90 4.71 -7.66
CA ARG B 52 22.88 4.14 -6.73
C ARG B 52 23.38 2.79 -7.17
N ILE B 53 22.50 1.96 -7.76
CA ILE B 53 23.04 0.65 -8.21
C ILE B 53 24.16 0.86 -9.22
N LEU B 54 24.00 1.82 -10.10
CA LEU B 54 24.99 2.22 -11.09
C LEU B 54 26.28 2.72 -10.45
N MET B 55 26.20 3.62 -9.47
CA MET B 55 27.37 4.04 -8.72
C MET B 55 28.14 2.85 -8.15
N ILE B 56 27.42 1.88 -7.63
CA ILE B 56 28.02 0.91 -6.72
C ILE B 56 28.70 -0.16 -7.58
N THR B 57 28.00 -0.49 -8.68
CA THR B 57 28.48 -1.46 -9.65
C THR B 57 29.62 -0.90 -10.52
N GLN B 58 29.63 0.40 -10.78
CA GLN B 58 30.72 0.99 -11.51
C GLN B 58 31.97 0.98 -10.66
N SER B 59 31.81 1.13 -9.35
CA SER B 59 32.90 1.29 -8.41
C SER B 59 33.58 -0.07 -8.21
N LEU B 60 32.84 -1.18 -8.17
CA LEU B 60 33.38 -2.42 -7.70
C LEU B 60 33.74 -3.36 -8.87
N LYS B 61 33.34 -3.06 -10.09
CA LYS B 61 33.31 -4.09 -11.12
C LYS B 61 34.76 -4.52 -11.45
N ASP B 62 35.70 -3.61 -11.26
CA ASP B 62 37.10 -3.91 -11.51
C ASP B 62 37.83 -4.45 -10.29
N TYR B 63 37.12 -4.84 -9.24
CA TYR B 63 37.79 -5.48 -8.13
C TYR B 63 37.46 -6.97 -8.16
N ASP B 64 37.80 -7.66 -7.11
CA ASP B 64 37.65 -9.10 -7.05
C ASP B 64 36.29 -9.64 -6.63
N LEU B 65 35.42 -8.78 -6.23
CA LEU B 65 34.32 -9.21 -5.39
C LEU B 65 33.14 -9.94 -5.96
N THR B 66 32.59 -10.94 -5.27
CA THR B 66 31.24 -11.37 -5.60
C THR B 66 30.22 -10.59 -4.76
N TYR B 67 29.39 -9.81 -5.40
CA TYR B 67 28.46 -8.95 -4.67
C TYR B 67 27.12 -8.84 -5.43
N TYR B 68 26.16 -8.32 -4.66
CA TYR B 68 24.79 -8.24 -5.15
C TYR B 68 24.18 -6.96 -4.59
N PRO B 69 24.08 -5.95 -5.43
CA PRO B 69 23.57 -4.65 -5.01
C PRO B 69 22.04 -4.75 -5.13
N ILE B 70 21.31 -4.85 -4.01
CA ILE B 70 19.87 -5.07 -4.16
C ILE B 70 19.06 -3.98 -3.43
N PRO B 71 18.13 -3.36 -4.13
CA PRO B 71 17.33 -2.27 -3.61
C PRO B 71 16.36 -2.73 -2.54
N ILE B 72 16.46 -2.11 -1.35
CA ILE B 72 15.43 -2.37 -0.34
C ILE B 72 14.62 -1.12 -0.01
N LYS B 73 13.32 -1.19 -0.22
CA LYS B 73 12.35 -0.12 0.16
C LYS B 73 12.26 0.09 1.67
N ASP B 74 12.11 1.34 2.09
CA ASP B 74 11.68 1.63 3.47
C ASP B 74 10.25 1.11 3.57
N ILE B 75 10.00 0.11 4.39
CA ILE B 75 8.62 -0.32 4.62
C ILE B 75 8.29 0.26 5.96
N GLU B 76 7.11 0.30 6.48
CA GLU B 76 7.09 0.92 7.80
C GLU B 76 6.62 -0.09 8.80
N PHE B 77 7.47 -1.09 8.96
CA PHE B 77 7.13 -2.25 9.72
C PHE B 77 8.39 -2.98 10.18
N ASN B 78 8.99 -2.56 11.29
CA ASN B 78 10.25 -3.12 11.78
C ASN B 78 10.18 -4.64 12.05
N SER B 79 9.07 -5.11 12.63
CA SER B 79 8.91 -6.53 12.94
C SER B 79 8.97 -7.41 11.69
N ILE B 80 8.73 -6.89 10.46
CA ILE B 80 8.83 -7.93 9.35
C ILE B 80 10.02 -7.69 8.46
N TRP B 81 10.75 -6.62 8.86
CA TRP B 81 11.80 -6.12 7.93
C TRP B 81 12.86 -7.15 7.58
N VAL B 82 13.31 -7.92 8.60
CA VAL B 82 14.31 -8.96 8.37
C VAL B 82 13.80 -9.99 7.34
N SER B 83 12.52 -10.29 7.38
CA SER B 83 11.93 -11.30 6.45
C SER B 83 11.86 -10.68 5.06
N TYR B 84 11.51 -9.40 5.04
CA TYR B 84 11.43 -8.71 3.72
C TYR B 84 12.83 -8.72 3.09
N VAL B 85 13.83 -8.28 3.84
CA VAL B 85 15.22 -8.35 3.37
C VAL B 85 15.60 -9.77 2.93
N GLU B 86 15.24 -10.80 3.69
CA GLU B 86 15.45 -12.18 3.26
C GLU B 86 14.75 -12.57 1.95
N SER B 87 13.53 -12.09 1.66
CA SER B 87 12.84 -12.37 0.44
C SER B 87 13.70 -11.89 -0.73
N LEU B 88 14.27 -10.71 -0.64
CA LEU B 88 14.96 -10.08 -1.74
C LEU B 88 16.38 -10.54 -2.06
N THR B 89 17.03 -11.33 -1.24
CA THR B 89 18.50 -11.48 -1.29
C THR B 89 18.86 -12.95 -1.17
N PRO B 90 19.97 -13.36 -1.80
CA PRO B 90 20.62 -14.63 -1.45
C PRO B 90 20.76 -14.75 0.05
N PRO B 91 20.65 -15.99 0.57
CA PRO B 91 20.89 -16.31 1.96
C PRO B 91 22.28 -15.88 2.43
N PHE B 92 22.29 -15.31 3.65
CA PHE B 92 23.45 -14.72 4.21
C PHE B 92 23.59 -15.15 5.68
N ASP B 93 24.79 -14.95 6.18
CA ASP B 93 25.19 -15.59 7.44
C ASP B 93 25.57 -14.49 8.43
N ILE B 94 26.10 -13.37 7.99
CA ILE B 94 26.77 -12.43 8.91
C ILE B 94 26.28 -11.04 8.44
N VAL B 95 25.93 -10.19 9.37
CA VAL B 95 25.47 -8.85 9.09
C VAL B 95 26.46 -7.84 9.67
N TYR B 96 26.91 -6.84 8.90
CA TYR B 96 27.86 -5.88 9.45
C TYR B 96 27.17 -4.53 9.66
N SER B 97 26.83 -4.16 10.86
CA SER B 97 26.20 -2.83 11.01
C SER B 97 26.54 -2.38 12.42
N GLY B 98 26.67 -1.10 12.64
CA GLY B 98 26.71 -0.49 13.96
C GLY B 98 25.39 0.22 14.29
N ASN B 99 24.41 0.15 13.40
CA ASN B 99 23.08 0.70 13.71
C ASN B 99 22.39 -0.19 14.75
N PRO B 100 21.91 0.43 15.81
CA PRO B 100 21.22 -0.29 16.87
C PRO B 100 19.90 -0.92 16.43
N LEU B 101 19.10 -0.25 15.59
CA LEU B 101 17.88 -0.96 15.16
C LEU B 101 18.30 -2.14 14.28
N VAL B 102 19.17 -1.93 13.26
CA VAL B 102 19.48 -3.05 12.34
C VAL B 102 19.95 -4.26 13.16
N ARG B 103 20.80 -3.91 14.12
CA ARG B 103 21.38 -4.93 15.01
C ARG B 103 20.36 -5.72 15.78
N VAL B 104 19.54 -5.05 16.60
CA VAL B 104 18.43 -5.68 17.28
C VAL B 104 17.61 -6.50 16.31
N LEU B 105 17.14 -5.94 15.17
CA LEU B 105 16.22 -6.76 14.36
C LEU B 105 16.82 -8.11 14.00
N PHE B 106 18.08 -8.08 13.62
CA PHE B 106 18.76 -9.29 13.15
C PHE B 106 19.18 -10.19 14.31
N GLU B 107 19.65 -9.64 15.43
CA GLU B 107 19.96 -10.56 16.57
C GLU B 107 18.72 -11.21 17.12
N GLU B 108 17.56 -10.51 17.07
CA GLU B 108 16.32 -11.24 17.49
C GLU B 108 15.97 -12.39 16.55
N ARG B 109 16.34 -12.32 15.28
CA ARG B 109 16.22 -13.56 14.46
C ARG B 109 17.38 -14.53 14.48
N GLY B 110 18.40 -14.33 15.30
CA GLY B 110 19.43 -15.38 15.48
C GLY B 110 20.67 -15.11 14.65
N TYR B 111 20.72 -13.97 13.92
CA TYR B 111 21.89 -13.70 13.09
C TYR B 111 23.06 -13.19 13.96
N GLU B 112 24.30 -13.52 13.53
CA GLU B 112 25.46 -12.84 14.07
C GLU B 112 25.62 -11.46 13.44
N VAL B 113 25.81 -10.43 14.22
CA VAL B 113 25.99 -9.07 13.78
C VAL B 113 27.34 -8.54 14.26
N LYS B 114 28.08 -7.89 13.34
CA LYS B 114 29.37 -7.32 13.71
C LYS B 114 29.46 -5.84 13.32
N ARG B 115 30.09 -5.05 14.16
CA ARG B 115 30.46 -3.70 13.78
C ARG B 115 31.59 -3.65 12.75
N PRO B 116 31.32 -3.00 11.63
CA PRO B 116 32.37 -2.68 10.68
C PRO B 116 33.29 -1.58 11.18
N GLU B 117 34.45 -1.52 10.53
CA GLU B 117 35.48 -0.52 10.90
C GLU B 117 35.14 0.84 10.33
N MET B 118 35.15 1.95 11.05
CA MET B 118 35.02 3.24 10.36
C MET B 118 36.33 3.56 9.70
N PHE B 119 36.35 4.31 8.60
CA PHE B 119 37.58 4.80 7.98
C PHE B 119 37.35 6.26 7.62
N ASN B 120 38.15 7.16 8.24
CA ASN B 120 38.13 8.51 7.73
C ASN B 120 36.74 9.10 7.77
N ARG B 121 36.10 8.93 8.94
CA ARG B 121 34.71 9.29 9.11
C ARG B 121 34.40 10.77 9.20
N LYS B 122 35.36 11.66 9.40
CA LYS B 122 35.07 13.08 9.20
C LYS B 122 34.93 13.44 7.73
N GLU B 123 35.58 12.75 6.79
CA GLU B 123 35.49 13.17 5.38
C GLU B 123 34.49 12.17 4.77
N TYR B 124 34.61 10.89 5.14
CA TYR B 124 34.02 9.80 4.41
C TYR B 124 32.62 9.50 4.97
N SER B 125 31.71 10.41 4.58
CA SER B 125 30.33 10.42 5.02
C SER B 125 29.41 11.09 4.00
N GLY B 126 28.25 10.45 3.77
CA GLY B 126 27.27 11.02 2.81
C GLY B 126 26.94 12.45 3.19
N THR B 127 26.49 12.63 4.44
CA THR B 127 26.19 13.94 4.99
C THR B 127 27.24 15.00 4.64
N GLU B 128 28.51 14.67 4.84
CA GLU B 128 29.60 15.64 4.61
C GLU B 128 29.76 15.89 3.11
N ILE B 129 29.82 14.82 2.32
CA ILE B 129 29.81 14.92 0.85
C ILE B 129 28.69 15.79 0.34
N ARG B 130 27.43 15.51 0.70
CA ARG B 130 26.31 16.34 0.24
C ARG B 130 26.45 17.80 0.65
N ARG B 131 26.84 17.97 1.91
CA ARG B 131 27.11 19.34 2.38
C ARG B 131 28.14 20.13 1.60
N ARG B 132 29.24 19.55 1.17
CA ARG B 132 30.19 20.17 0.28
C ARG B 132 29.52 20.41 -1.07
N MET B 133 28.77 19.39 -1.58
CA MET B 133 28.20 19.61 -2.91
C MET B 133 27.38 20.90 -2.88
N LEU B 134 26.58 21.03 -1.82
CA LEU B 134 25.66 22.15 -1.75
C LEU B 134 26.26 23.50 -1.38
N ASN B 135 27.33 23.57 -0.59
CA ASN B 135 27.87 24.94 -0.35
C ASN B 135 29.10 25.28 -1.19
N GLY B 136 29.55 24.40 -2.08
CA GLY B 136 30.65 24.63 -2.97
C GLY B 136 32.03 24.12 -2.65
N GLU B 137 32.23 23.16 -1.74
CA GLU B 137 33.59 22.71 -1.46
C GLU B 137 34.01 21.59 -2.39
N LYS B 138 35.23 21.08 -2.26
CA LYS B 138 35.64 19.97 -3.14
C LYS B 138 35.09 18.69 -2.52
N TRP B 139 34.73 17.70 -3.30
CA TRP B 139 34.26 16.41 -2.80
C TRP B 139 34.78 15.27 -3.65
N GLU B 140 35.19 15.46 -4.90
CA GLU B 140 35.61 14.37 -5.78
C GLU B 140 36.56 13.41 -5.14
N HIS B 141 37.49 13.89 -4.33
CA HIS B 141 38.60 13.03 -3.89
C HIS B 141 38.16 12.20 -2.69
N LEU B 142 36.89 12.37 -2.30
CA LEU B 142 36.21 11.49 -1.36
C LEU B 142 35.43 10.27 -1.89
N VAL B 143 35.10 10.21 -3.17
CA VAL B 143 34.38 9.04 -3.65
C VAL B 143 35.14 8.46 -4.84
N PRO B 144 34.89 7.23 -5.21
CA PRO B 144 35.73 6.62 -6.25
C PRO B 144 35.51 7.51 -7.46
N LYS B 145 36.37 7.44 -8.46
CA LYS B 145 36.15 8.13 -9.72
C LYS B 145 34.93 7.59 -10.43
N ALA B 146 34.66 6.29 -10.35
CA ALA B 146 33.46 5.79 -11.05
C ALA B 146 32.20 6.49 -10.52
N VAL B 147 32.18 6.83 -9.25
CA VAL B 147 31.04 7.62 -8.73
C VAL B 147 31.02 9.04 -9.24
N VAL B 148 32.08 9.90 -9.03
CA VAL B 148 32.22 11.08 -9.86
C VAL B 148 31.70 10.97 -11.28
N ASP B 149 32.14 10.01 -12.06
CA ASP B 149 31.64 9.98 -13.43
C ASP B 149 30.11 9.92 -13.41
N VAL B 150 29.53 9.10 -12.54
CA VAL B 150 28.07 8.91 -12.59
C VAL B 150 27.39 10.20 -12.17
N ILE B 151 27.92 10.77 -11.07
CA ILE B 151 27.32 12.04 -10.63
C ILE B 151 27.32 13.16 -11.63
N LYS B 152 28.32 13.31 -12.44
CA LYS B 152 28.34 14.06 -13.70
C LYS B 152 27.44 13.60 -14.81
N GLU B 153 27.37 12.37 -15.29
CA GLU B 153 26.30 11.99 -16.24
C GLU B 153 24.96 12.58 -15.79
N ILE B 154 24.54 12.47 -14.53
CA ILE B 154 23.09 12.60 -14.22
C ILE B 154 22.85 14.00 -13.66
N LYS B 155 23.95 14.77 -13.71
CA LYS B 155 24.06 16.07 -13.04
C LYS B 155 23.51 16.08 -11.60
N GLY B 156 24.04 15.24 -10.75
CA GLY B 156 23.68 15.05 -9.36
C GLY B 156 23.87 16.27 -8.45
N VAL B 157 25.05 16.89 -8.51
CA VAL B 157 25.23 18.20 -7.85
C VAL B 157 24.29 19.31 -8.23
N GLU B 158 23.95 19.50 -9.50
CA GLU B 158 22.94 20.48 -9.89
C GLU B 158 21.60 20.13 -9.24
N ARG B 159 21.17 18.88 -9.30
CA ARG B 159 19.89 18.49 -8.70
C ARG B 159 19.86 18.93 -7.23
N LEU B 160 20.88 18.52 -6.50
CA LEU B 160 20.97 18.84 -5.05
C LEU B 160 20.86 20.34 -4.81
N ARG B 161 21.55 21.14 -5.61
CA ARG B 161 21.60 22.59 -5.35
C ARG B 161 20.26 23.17 -5.76
N LYS B 162 19.59 22.53 -6.74
CA LYS B 162 18.26 23.05 -7.08
C LYS B 162 17.22 22.78 -5.99
N LEU B 163 17.34 21.59 -5.39
CA LEU B 163 16.43 21.22 -4.28
C LEU B 163 16.61 22.08 -3.03
N ALA B 164 17.78 22.67 -2.84
CA ALA B 164 17.99 23.48 -1.62
C ALA B 164 17.36 24.85 -1.78
N LEU C 1 -24.83 -1.94 25.03
CA LEU C 1 -23.77 -0.88 25.02
C LEU C 1 -22.32 -1.38 24.97
N ARG C 2 -21.61 -0.96 23.92
CA ARG C 2 -20.14 -1.14 23.86
C ARG C 2 -19.37 0.17 23.82
N GLY C 3 -18.31 0.25 24.59
CA GLY C 3 -17.38 1.38 24.62
C GLY C 3 -16.14 1.19 23.74
N PHE C 4 -15.38 2.24 23.50
CA PHE C 4 -14.25 2.15 22.54
C PHE C 4 -13.12 3.02 23.06
N ILE C 5 -11.93 2.49 23.32
CA ILE C 5 -10.84 3.41 23.69
C ILE C 5 -9.68 3.13 22.72
N ILE C 6 -8.77 4.08 22.57
CA ILE C 6 -7.62 3.76 21.68
C ILE C 6 -6.36 4.33 22.29
N GLY C 7 -5.32 3.45 22.28
CA GLY C 7 -4.01 4.03 22.65
C GLY C 7 -2.94 3.09 22.05
N ARG C 8 -1.71 3.46 22.31
CA ARG C 8 -0.56 2.69 21.89
C ARG C 8 -0.16 1.66 22.93
N PHE C 9 -0.45 1.91 24.22
CA PHE C 9 -0.18 0.89 25.25
C PHE C 9 1.25 0.32 25.20
N GLN C 10 2.29 1.15 25.22
CA GLN C 10 3.65 0.62 25.30
C GLN C 10 4.36 1.14 26.59
N PRO C 11 4.08 0.33 27.61
CA PRO C 11 3.15 -0.75 27.68
C PRO C 11 1.83 -0.33 28.32
N PHE C 12 0.85 -1.21 28.29
CA PHE C 12 -0.32 -1.22 29.12
C PHE C 12 0.09 -1.01 30.58
N HIS C 13 -0.53 -0.08 31.27
CA HIS C 13 -0.14 0.27 32.63
C HIS C 13 -1.34 0.35 33.57
N LYS C 14 -1.15 0.81 34.81
CA LYS C 14 -2.21 0.74 35.81
C LYS C 14 -3.15 1.91 35.60
N GLY C 15 -2.72 2.99 34.99
CA GLY C 15 -3.63 4.04 34.52
C GLY C 15 -4.66 3.54 33.49
N HIS C 16 -4.19 2.85 32.45
CA HIS C 16 -5.13 2.14 31.55
C HIS C 16 -6.08 1.25 32.31
N LEU C 17 -5.56 0.46 33.27
CA LEU C 17 -6.35 -0.54 33.96
C LEU C 17 -7.52 0.16 34.66
N GLU C 18 -7.25 1.28 35.30
CA GLU C 18 -8.26 2.06 36.00
C GLU C 18 -9.20 2.86 35.11
N VAL C 19 -8.65 3.49 34.04
CA VAL C 19 -9.58 4.07 33.06
C VAL C 19 -10.52 3.02 32.50
N ILE C 20 -10.07 1.78 32.35
CA ILE C 20 -10.93 0.75 31.77
C ILE C 20 -11.99 0.23 32.74
N LYS C 21 -11.61 0.08 34.01
CA LYS C 21 -12.52 -0.42 35.03
C LYS C 21 -13.66 0.61 35.21
N LYS C 22 -13.32 1.88 35.17
CA LYS C 22 -14.25 2.98 35.21
C LYS C 22 -15.19 2.98 34.00
N ILE C 23 -14.64 2.99 32.78
CA ILE C 23 -15.51 2.78 31.60
C ILE C 23 -16.47 1.63 31.78
N ALA C 24 -16.01 0.53 32.36
CA ALA C 24 -16.77 -0.72 32.45
C ALA C 24 -17.96 -0.56 33.41
N GLU C 25 -17.96 0.54 34.16
CA GLU C 25 -19.15 0.90 34.92
C GLU C 25 -20.19 1.65 34.11
N GLU C 26 -19.95 2.02 32.85
CA GLU C 26 -20.91 2.73 32.02
C GLU C 26 -21.44 1.91 30.84
N VAL C 27 -20.78 0.78 30.54
CA VAL C 27 -21.03 0.11 29.25
C VAL C 27 -20.90 -1.38 29.52
N ASP C 28 -21.43 -2.27 28.68
CA ASP C 28 -21.36 -3.69 28.94
C ASP C 28 -20.03 -4.29 28.46
N GLU C 29 -19.47 -3.81 27.36
CA GLU C 29 -18.27 -4.40 26.78
C GLU C 29 -17.38 -3.28 26.26
N ILE C 30 -16.09 -3.54 26.08
CA ILE C 30 -15.13 -2.48 25.78
C ILE C 30 -14.14 -2.98 24.71
N ILE C 31 -14.11 -2.22 23.61
CA ILE C 31 -13.21 -2.51 22.52
C ILE C 31 -11.91 -1.75 22.82
N ILE C 32 -10.81 -2.52 22.95
CA ILE C 32 -9.55 -1.78 23.17
C ILE C 32 -8.81 -1.76 21.85
N GLY C 33 -8.82 -0.59 21.19
CA GLY C 33 -8.06 -0.39 19.97
C GLY C 33 -6.59 -0.17 20.24
N ILE C 34 -5.72 -0.98 19.67
CA ILE C 34 -4.27 -0.92 19.91
C ILE C 34 -3.68 -0.18 18.68
N GLY C 35 -3.36 1.09 18.94
CA GLY C 35 -3.15 2.11 17.88
C GLY C 35 -1.70 1.94 17.38
N SER C 36 -1.23 2.47 16.28
CA SER C 36 0.17 2.28 15.89
C SER C 36 0.57 0.82 15.86
N ALA C 37 -0.30 -0.04 15.35
CA ALA C 37 -0.12 -1.48 15.36
C ALA C 37 1.19 -1.91 14.71
N GLN C 38 1.61 -1.22 13.59
CA GLN C 38 2.73 -1.77 12.86
C GLN C 38 4.03 -1.23 13.47
N LYS C 39 3.89 -0.25 14.37
CA LYS C 39 5.13 0.38 14.90
C LYS C 39 5.71 -0.42 16.07
N SER C 40 6.97 -0.86 15.94
CA SER C 40 7.63 -1.56 17.02
C SER C 40 9.14 -1.31 16.96
N HIS C 41 9.88 -1.69 17.99
CA HIS C 41 11.34 -1.58 18.00
C HIS C 41 11.87 -0.16 17.84
N THR C 42 11.12 0.73 18.46
CA THR C 42 11.51 2.16 18.59
C THR C 42 11.46 2.57 20.06
N LEU C 43 12.13 3.69 20.46
CA LEU C 43 12.01 4.15 21.84
C LEU C 43 10.63 4.64 22.28
N GLU C 44 9.80 5.10 21.37
CA GLU C 44 8.43 5.42 21.71
C GLU C 44 7.48 4.23 21.55
N ASN C 45 7.83 3.37 20.61
CA ASN C 45 6.97 2.20 20.38
C ASN C 45 7.79 0.92 20.39
N PRO C 46 8.25 0.46 21.56
CA PRO C 46 9.16 -0.69 21.60
C PRO C 46 8.45 -1.97 21.16
N PHE C 47 7.17 -2.13 21.44
CA PHE C 47 6.52 -3.44 21.47
C PHE C 47 5.64 -3.63 20.23
N THR C 48 5.60 -4.83 19.73
CA THR C 48 4.79 -5.16 18.49
C THR C 48 3.35 -5.21 18.93
N ALA C 49 2.43 -5.24 17.99
CA ALA C 49 1.01 -5.41 18.23
C ALA C 49 0.70 -6.67 19.03
N GLY C 50 1.35 -7.77 18.65
CA GLY C 50 1.00 -9.06 19.25
C GLY C 50 1.52 -9.06 20.71
N GLU C 51 2.68 -8.47 20.94
CA GLU C 51 3.11 -8.25 22.34
C GLU C 51 2.20 -7.40 23.19
N ARG C 52 1.54 -6.39 22.63
CA ARG C 52 0.52 -5.62 23.33
C ARG C 52 -0.81 -6.33 23.52
N ILE C 53 -1.21 -7.11 22.51
CA ILE C 53 -2.39 -7.95 22.72
C ILE C 53 -2.13 -8.82 23.94
N LEU C 54 -1.02 -9.53 23.98
CA LEU C 54 -0.74 -10.51 25.03
C LEU C 54 -0.78 -9.85 26.42
N MET C 55 -0.27 -8.63 26.52
CA MET C 55 -0.14 -7.87 27.76
C MET C 55 -1.54 -7.51 28.24
N ILE C 56 -2.33 -6.98 27.28
CA ILE C 56 -3.63 -6.44 27.62
C ILE C 56 -4.57 -7.60 27.93
N THR C 57 -4.51 -8.69 27.13
CA THR C 57 -5.35 -9.82 27.40
C THR C 57 -4.98 -10.50 28.73
N GLN C 58 -3.70 -10.75 28.99
CA GLN C 58 -3.30 -11.29 30.28
C GLN C 58 -3.70 -10.38 31.46
N SER C 59 -3.70 -9.04 31.29
CA SER C 59 -4.04 -8.18 32.42
C SER C 59 -5.51 -8.29 32.80
N LEU C 60 -6.35 -8.45 31.78
CA LEU C 60 -7.80 -8.31 31.92
C LEU C 60 -8.53 -9.67 32.04
N LYS C 61 -7.88 -10.78 31.60
CA LYS C 61 -8.54 -12.11 31.67
C LYS C 61 -9.11 -12.30 33.05
N ASP C 62 -8.38 -11.64 33.90
CA ASP C 62 -8.68 -11.46 35.27
C ASP C 62 -10.16 -11.17 35.55
N TYR C 63 -10.58 -10.01 35.04
CA TYR C 63 -11.85 -9.39 35.42
C TYR C 63 -13.12 -9.91 34.73
N ASP C 64 -14.25 -9.58 35.36
CA ASP C 64 -15.58 -10.01 34.93
C ASP C 64 -16.14 -9.17 33.76
N LEU C 65 -15.42 -9.03 32.69
CA LEU C 65 -15.60 -7.93 31.73
C LEU C 65 -15.50 -8.56 30.35
N THR C 66 -16.23 -8.10 29.35
CA THR C 66 -15.95 -8.57 28.00
C THR C 66 -15.19 -7.49 27.22
N TYR C 67 -13.95 -7.81 26.82
CA TYR C 67 -13.20 -6.85 26.04
C TYR C 67 -12.60 -7.44 24.76
N TYR C 68 -12.19 -6.54 23.87
CA TYR C 68 -11.81 -6.88 22.49
C TYR C 68 -10.57 -6.06 22.17
N PRO C 69 -9.39 -6.63 22.35
CA PRO C 69 -8.14 -5.99 22.05
C PRO C 69 -7.71 -6.15 20.58
N ILE C 70 -7.88 -5.05 19.83
CA ILE C 70 -7.94 -5.17 18.37
C ILE C 70 -6.88 -4.24 17.82
N PRO C 71 -5.91 -4.75 17.06
CA PRO C 71 -4.85 -4.00 16.49
C PRO C 71 -5.28 -3.11 15.33
N ILE C 72 -4.92 -1.83 15.43
CA ILE C 72 -5.30 -0.84 14.45
C ILE C 72 -4.06 -0.16 13.87
N LYS C 73 -3.79 -0.31 12.58
CA LYS C 73 -2.61 0.23 11.93
C LYS C 73 -2.70 1.77 11.87
N ASP C 74 -1.61 2.46 11.76
CA ASP C 74 -1.63 3.88 11.41
C ASP C 74 -1.84 3.93 9.89
N ILE C 75 -3.02 4.33 9.43
CA ILE C 75 -3.23 4.50 7.99
C ILE C 75 -3.06 5.98 7.74
N GLU C 76 -2.64 6.48 6.61
CA GLU C 76 -2.48 7.92 6.59
C GLU C 76 -3.65 8.56 5.87
N PHE C 77 -4.81 8.56 6.54
CA PHE C 77 -6.01 8.95 5.84
C PHE C 77 -7.24 9.26 6.70
N ASN C 78 -7.21 10.31 7.47
CA ASN C 78 -8.18 10.55 8.56
C ASN C 78 -9.64 10.51 8.22
N SER C 79 -9.95 10.80 6.97
CA SER C 79 -11.30 10.78 6.43
C SER C 79 -11.92 9.38 6.47
N ILE C 80 -11.13 8.33 6.21
CA ILE C 80 -11.69 6.97 6.23
C ILE C 80 -11.40 6.20 7.51
N TRP C 81 -10.79 6.83 8.51
CA TRP C 81 -10.22 6.10 9.62
C TRP C 81 -11.32 5.54 10.51
N VAL C 82 -12.43 6.27 10.76
CA VAL C 82 -13.52 5.65 11.53
C VAL C 82 -14.11 4.42 10.86
N SER C 83 -14.25 4.53 9.50
CA SER C 83 -14.72 3.33 8.80
C SER C 83 -13.81 2.13 9.00
N TYR C 84 -12.51 2.35 8.77
CA TYR C 84 -11.46 1.41 9.05
C TYR C 84 -11.52 0.80 10.44
N VAL C 85 -11.71 1.63 11.45
CA VAL C 85 -11.92 1.13 12.83
C VAL C 85 -13.22 0.31 12.94
N GLU C 86 -14.31 0.75 12.34
CA GLU C 86 -15.55 -0.02 12.21
C GLU C 86 -15.46 -1.34 11.48
N SER C 87 -14.50 -1.48 10.51
CA SER C 87 -14.42 -2.71 9.74
C SER C 87 -13.82 -3.78 10.72
N LEU C 88 -12.97 -3.33 11.64
CA LEU C 88 -12.18 -4.31 12.41
C LEU C 88 -12.84 -4.58 13.75
N THR C 89 -13.94 -3.97 14.15
CA THR C 89 -14.37 -3.98 15.57
C THR C 89 -15.85 -4.28 15.67
N PRO C 90 -16.30 -4.98 16.70
CA PRO C 90 -17.76 -5.01 16.99
C PRO C 90 -18.35 -3.63 17.03
N PRO C 91 -19.64 -3.48 16.68
CA PRO C 91 -20.32 -2.19 16.78
C PRO C 91 -20.21 -1.62 18.18
N PHE C 92 -20.00 -0.34 18.31
CA PHE C 92 -19.89 0.35 19.56
C PHE C 92 -20.63 1.71 19.55
N ASP C 93 -20.79 2.28 20.75
CA ASP C 93 -21.81 3.32 20.91
C ASP C 93 -21.17 4.56 21.49
N ILE C 94 -20.13 4.42 22.33
CA ILE C 94 -19.52 5.56 22.99
C ILE C 94 -18.00 5.49 22.87
N VAL C 95 -17.38 6.61 22.57
CA VAL C 95 -15.93 6.62 22.38
C VAL C 95 -15.34 7.36 23.57
N TYR C 96 -14.39 6.79 24.31
CA TYR C 96 -13.69 7.62 25.31
C TYR C 96 -12.37 8.12 24.83
N SER C 97 -12.21 9.44 24.66
CA SER C 97 -10.92 9.93 24.21
C SER C 97 -10.81 11.40 24.52
N GLY C 98 -9.67 11.94 24.86
CA GLY C 98 -9.52 13.39 25.05
C GLY C 98 -8.79 13.92 23.80
N ASN C 99 -8.54 13.00 22.85
CA ASN C 99 -7.67 13.42 21.73
C ASN C 99 -8.53 14.22 20.77
N PRO C 100 -8.15 15.44 20.46
CA PRO C 100 -8.91 16.32 19.60
C PRO C 100 -9.17 15.74 18.20
N LEU C 101 -8.23 15.13 17.51
CA LEU C 101 -8.56 14.45 16.26
C LEU C 101 -9.57 13.34 16.44
N VAL C 102 -9.38 12.42 17.38
CA VAL C 102 -10.25 11.23 17.46
C VAL C 102 -11.68 11.72 17.70
N ARG C 103 -11.72 12.77 18.54
CA ARG C 103 -13.01 13.32 18.99
C ARG C 103 -13.74 13.94 17.79
N VAL C 104 -13.00 14.69 16.96
CA VAL C 104 -13.68 15.20 15.75
C VAL C 104 -14.13 14.08 14.82
N LEU C 105 -13.29 13.16 14.42
CA LEU C 105 -13.68 12.18 13.36
C LEU C 105 -14.93 11.47 13.82
N PHE C 106 -14.92 10.97 15.08
CA PHE C 106 -16.08 10.25 15.63
C PHE C 106 -17.32 11.12 15.66
N GLU C 107 -17.27 12.38 16.07
CA GLU C 107 -18.42 13.23 16.24
C GLU C 107 -18.99 13.58 14.87
N GLU C 108 -18.17 13.58 13.81
CA GLU C 108 -18.62 13.97 12.49
C GLU C 108 -19.41 12.78 11.96
N ARG C 109 -19.18 11.61 12.56
CA ARG C 109 -19.90 10.41 12.09
C ARG C 109 -21.05 10.11 13.09
N GLY C 110 -21.41 11.00 13.99
CA GLY C 110 -22.60 10.72 14.79
C GLY C 110 -22.33 10.08 16.13
N TYR C 111 -21.11 9.85 16.56
CA TYR C 111 -20.82 9.09 17.78
C TYR C 111 -20.80 10.09 18.96
N GLU C 112 -21.12 9.57 20.15
CA GLU C 112 -20.85 10.34 21.36
C GLU C 112 -19.42 10.06 21.85
N VAL C 113 -18.67 11.05 22.23
CA VAL C 113 -17.28 11.03 22.58
C VAL C 113 -17.19 11.60 24.01
N LYS C 114 -16.58 10.91 24.95
CA LYS C 114 -16.39 11.43 26.30
C LYS C 114 -14.91 11.44 26.67
N ARG C 115 -14.49 12.38 27.51
CA ARG C 115 -13.19 12.33 28.17
C ARG C 115 -13.19 11.25 29.25
N PRO C 116 -12.19 10.40 29.23
CA PRO C 116 -11.91 9.52 30.35
C PRO C 116 -11.24 10.29 31.46
N GLU C 117 -11.45 9.86 32.72
CA GLU C 117 -10.65 10.31 33.85
C GLU C 117 -9.19 9.93 33.72
N MET C 118 -8.27 10.80 34.11
CA MET C 118 -6.88 10.45 34.34
C MET C 118 -6.67 9.92 35.75
N PHE C 119 -5.82 8.91 35.92
CA PHE C 119 -5.38 8.46 37.24
C PHE C 119 -3.86 8.55 37.33
N ASN C 120 -3.38 9.43 38.18
CA ASN C 120 -1.98 9.37 38.63
C ASN C 120 -1.03 9.49 37.45
N ARG C 121 -1.27 10.45 36.56
CA ARG C 121 -0.54 10.61 35.33
C ARG C 121 0.92 10.91 35.49
N LYS C 122 1.41 11.43 36.61
CA LYS C 122 2.85 11.66 36.71
C LYS C 122 3.60 10.35 36.93
N GLU C 123 2.95 9.26 37.34
CA GLU C 123 3.64 7.97 37.20
C GLU C 123 3.06 7.12 36.07
N TYR C 124 1.72 7.11 35.99
CA TYR C 124 1.08 6.15 35.09
C TYR C 124 1.16 6.81 33.70
N SER C 125 2.28 6.53 33.05
CA SER C 125 2.50 7.03 31.70
C SER C 125 3.47 6.16 30.92
N GLY C 126 3.11 5.80 29.68
CA GLY C 126 4.04 4.95 28.89
C GLY C 126 5.37 5.66 28.85
N THR C 127 5.35 6.95 28.54
CA THR C 127 6.59 7.69 28.40
C THR C 127 7.45 7.60 29.67
N GLU C 128 6.79 7.69 30.84
CA GLU C 128 7.58 7.74 32.08
C GLU C 128 8.02 6.30 32.33
N ILE C 129 7.24 5.27 32.10
CA ILE C 129 7.68 3.87 32.26
C ILE C 129 8.85 3.44 31.38
N ARG C 130 8.83 3.91 30.13
CA ARG C 130 9.93 3.62 29.19
C ARG C 130 11.19 4.28 29.73
N ARG C 131 11.06 5.50 30.20
CA ARG C 131 12.23 6.25 30.70
C ARG C 131 12.92 5.47 31.83
N ARG C 132 12.15 4.96 32.73
CA ARG C 132 12.64 4.21 33.90
C ARG C 132 13.27 2.90 33.43
N MET C 133 12.63 2.21 32.46
CA MET C 133 13.18 0.96 31.97
C MET C 133 14.57 1.18 31.40
N LEU C 134 14.78 2.23 30.62
CA LEU C 134 16.10 2.54 30.08
C LEU C 134 17.10 2.81 31.21
N ASN C 135 16.69 3.57 32.23
CA ASN C 135 17.77 4.08 33.15
C ASN C 135 17.91 3.24 34.42
N GLY C 136 17.26 2.08 34.54
CA GLY C 136 17.46 1.18 35.66
C GLY C 136 16.70 1.44 36.94
N GLU C 137 15.83 2.42 36.95
CA GLU C 137 14.80 2.67 37.93
C GLU C 137 13.65 1.68 38.00
N LYS C 138 12.95 1.66 39.15
CA LYS C 138 11.88 0.71 39.42
C LYS C 138 10.62 1.12 38.64
N TRP C 139 10.12 0.26 37.77
CA TRP C 139 8.90 0.52 37.02
C TRP C 139 7.81 -0.55 37.20
N GLU C 140 8.14 -1.67 37.81
CA GLU C 140 7.22 -2.76 37.96
C GLU C 140 5.95 -2.52 38.78
N HIS C 141 6.05 -1.51 39.68
CA HIS C 141 4.85 -1.17 40.41
C HIS C 141 3.90 -0.33 39.55
N LEU C 142 4.35 0.15 38.37
CA LEU C 142 3.43 0.97 37.57
C LEU C 142 2.54 0.22 36.60
N VAL C 143 2.64 -1.07 36.43
CA VAL C 143 1.84 -1.88 35.52
C VAL C 143 1.30 -3.08 36.25
N PRO C 144 0.27 -3.74 35.72
CA PRO C 144 -0.13 -5.06 36.14
C PRO C 144 0.99 -6.08 36.17
N LYS C 145 0.90 -7.05 37.05
CA LYS C 145 1.91 -8.09 37.20
C LYS C 145 1.89 -8.89 35.89
N ALA C 146 0.70 -9.01 35.28
CA ALA C 146 0.64 -9.75 34.01
C ALA C 146 1.56 -9.17 32.93
N VAL C 147 1.69 -7.83 33.00
CA VAL C 147 2.56 -7.05 32.12
C VAL C 147 4.05 -7.29 32.32
N VAL C 148 4.46 -7.09 33.59
CA VAL C 148 5.81 -7.47 34.01
C VAL C 148 6.14 -8.85 33.46
N ASP C 149 5.34 -9.85 33.74
CA ASP C 149 5.53 -11.18 33.18
C ASP C 149 5.76 -11.22 31.69
N VAL C 150 4.98 -10.41 30.94
CA VAL C 150 5.12 -10.44 29.49
C VAL C 150 6.45 -9.81 29.08
N ILE C 151 6.77 -8.65 29.69
CA ILE C 151 7.99 -7.95 29.53
C ILE C 151 9.19 -8.83 29.76
N LYS C 152 9.16 -9.68 30.81
CA LYS C 152 10.26 -10.61 30.99
C LYS C 152 10.27 -11.61 29.83
N GLU C 153 9.14 -12.22 29.47
CA GLU C 153 9.15 -13.29 28.46
C GLU C 153 9.74 -12.81 27.14
N ILE C 154 9.52 -11.53 26.78
CA ILE C 154 9.95 -11.11 25.43
C ILE C 154 11.24 -10.29 25.56
N LYS C 155 11.74 -10.23 26.80
CA LYS C 155 12.92 -9.40 27.02
C LYS C 155 12.77 -7.96 26.57
N GLY C 156 11.70 -7.31 26.96
CA GLY C 156 11.37 -5.98 26.42
C GLY C 156 12.37 -4.91 26.94
N VAL C 157 12.82 -5.07 28.20
CA VAL C 157 13.69 -4.01 28.76
C VAL C 157 15.02 -4.04 28.05
N GLU C 158 15.47 -5.28 27.77
CA GLU C 158 16.72 -5.42 27.04
C GLU C 158 16.62 -4.84 25.64
N ARG C 159 15.59 -5.23 24.90
CA ARG C 159 15.29 -4.52 23.65
C ARG C 159 15.51 -3.02 23.79
N LEU C 160 14.70 -2.40 24.64
CA LEU C 160 14.69 -0.94 24.74
C LEU C 160 16.07 -0.38 24.98
N ARG C 161 16.81 -1.01 25.91
CA ARG C 161 18.21 -0.62 26.15
C ARG C 161 19.18 -0.77 25.00
N LYS C 162 19.08 -1.86 24.23
CA LYS C 162 19.94 -1.91 23.01
C LYS C 162 19.52 -0.89 21.96
N LEU C 163 18.22 -0.62 21.81
CA LEU C 163 17.78 0.41 20.85
C LEU C 163 18.33 1.79 21.14
N ALA C 164 18.53 2.04 22.43
CA ALA C 164 18.99 3.33 22.91
C ALA C 164 20.55 3.43 22.86
N LEU D 1 25.63 0.95 -24.68
CA LEU D 1 24.35 0.27 -25.01
C LEU D 1 23.91 -0.72 -23.96
N ARG D 2 22.66 -0.57 -23.49
CA ARG D 2 22.14 -1.38 -22.39
C ARG D 2 20.76 -1.90 -22.78
N GLY D 3 20.57 -3.21 -22.61
CA GLY D 3 19.34 -3.89 -23.02
C GLY D 3 18.50 -4.20 -21.77
N PHE D 4 17.19 -4.26 -21.97
CA PHE D 4 16.38 -4.69 -20.80
C PHE D 4 15.54 -5.90 -21.14
N ILE D 5 15.55 -6.93 -20.27
CA ILE D 5 14.49 -7.96 -20.47
C ILE D 5 13.81 -8.14 -19.11
N ILE D 6 12.61 -8.67 -19.14
CA ILE D 6 11.83 -8.91 -17.92
C ILE D 6 11.17 -10.27 -18.00
N GLY D 7 11.26 -10.98 -16.89
CA GLY D 7 10.48 -12.23 -16.79
C GLY D 7 10.24 -12.49 -15.29
N ARG D 8 9.68 -13.68 -15.07
CA ARG D 8 9.40 -14.21 -13.77
C ARG D 8 10.54 -15.13 -13.37
N PHE D 9 11.19 -15.78 -14.34
CA PHE D 9 12.23 -16.74 -14.03
C PHE D 9 11.91 -17.75 -12.93
N GLN D 10 10.89 -18.58 -13.13
CA GLN D 10 10.59 -19.65 -12.17
C GLN D 10 10.59 -21.02 -12.83
N PRO D 11 11.75 -21.56 -13.10
CA PRO D 11 13.02 -20.87 -12.90
C PRO D 11 13.70 -20.50 -14.21
N PHE D 12 14.76 -19.72 -14.08
CA PHE D 12 15.69 -19.45 -15.19
C PHE D 12 16.08 -20.80 -15.80
N HIS D 13 15.90 -21.04 -17.08
CA HIS D 13 16.13 -22.33 -17.74
C HIS D 13 17.06 -22.13 -18.93
N LYS D 14 17.20 -22.98 -19.95
CA LYS D 14 18.27 -22.76 -20.95
C LYS D 14 17.74 -21.87 -22.05
N GLY D 15 16.42 -21.80 -22.14
CA GLY D 15 15.76 -20.86 -23.08
C GLY D 15 16.20 -19.43 -22.75
N HIS D 16 16.17 -19.17 -21.43
CA HIS D 16 16.66 -17.88 -20.92
C HIS D 16 18.11 -17.65 -21.25
N LEU D 17 18.95 -18.64 -20.94
CA LEU D 17 20.39 -18.42 -21.10
C LEU D 17 20.69 -17.97 -22.54
N GLU D 18 20.08 -18.67 -23.50
CA GLU D 18 20.38 -18.48 -24.92
C GLU D 18 19.88 -17.12 -25.40
N VAL D 19 18.65 -16.74 -25.02
CA VAL D 19 18.14 -15.43 -25.35
C VAL D 19 18.99 -14.31 -24.75
N ILE D 20 19.68 -14.57 -23.65
CA ILE D 20 20.52 -13.52 -23.03
C ILE D 20 21.84 -13.45 -23.79
N LYS D 21 22.32 -14.61 -24.26
CA LYS D 21 23.63 -14.62 -24.96
C LYS D 21 23.42 -13.94 -26.32
N LYS D 22 22.26 -14.17 -26.90
CA LYS D 22 21.88 -13.49 -28.12
C LYS D 22 21.87 -11.98 -27.94
N ILE D 23 21.10 -11.51 -26.94
CA ILE D 23 20.98 -10.10 -26.65
C ILE D 23 22.35 -9.46 -26.39
N ALA D 24 23.24 -10.24 -25.82
CA ALA D 24 24.58 -9.73 -25.50
C ALA D 24 25.39 -9.48 -26.77
N GLU D 25 24.90 -10.10 -27.86
CA GLU D 25 25.56 -9.80 -29.15
C GLU D 25 25.14 -8.46 -29.70
N GLU D 26 24.16 -7.81 -29.04
CA GLU D 26 23.67 -6.54 -29.57
C GLU D 26 23.99 -5.36 -28.67
N VAL D 27 24.36 -5.68 -27.43
CA VAL D 27 24.28 -4.62 -26.39
C VAL D 27 25.45 -4.90 -25.48
N ASP D 28 26.04 -3.96 -24.83
CA ASP D 28 27.14 -4.03 -23.90
C ASP D 28 26.79 -4.56 -22.51
N GLU D 29 25.61 -4.23 -22.00
CA GLU D 29 25.13 -4.70 -20.70
C GLU D 29 23.63 -5.01 -20.76
N ILE D 30 23.18 -5.86 -19.81
CA ILE D 30 21.80 -6.35 -19.84
C ILE D 30 21.22 -6.21 -18.44
N ILE D 31 20.19 -5.38 -18.27
CA ILE D 31 19.39 -5.39 -17.03
C ILE D 31 18.42 -6.56 -17.08
N ILE D 32 18.46 -7.44 -16.10
CA ILE D 32 17.51 -8.56 -16.06
C ILE D 32 16.47 -8.26 -14.95
N GLY D 33 15.37 -7.67 -15.36
CA GLY D 33 14.20 -7.41 -14.50
C GLY D 33 13.55 -8.68 -14.01
N ILE D 34 13.66 -8.94 -12.70
CA ILE D 34 12.98 -10.11 -12.16
C ILE D 34 11.62 -9.71 -11.60
N GLY D 35 10.59 -9.89 -12.39
CA GLY D 35 9.27 -9.38 -12.14
C GLY D 35 8.40 -10.33 -11.32
N SER D 36 7.27 -9.76 -10.82
CA SER D 36 6.52 -10.52 -9.81
C SER D 36 7.37 -10.88 -8.63
N ALA D 37 8.14 -9.87 -8.18
CA ALA D 37 9.23 -10.17 -7.21
C ALA D 37 8.61 -10.50 -5.86
N GLN D 38 7.39 -10.00 -5.61
CA GLN D 38 6.80 -10.44 -4.33
C GLN D 38 6.07 -11.78 -4.35
N LYS D 39 5.98 -12.37 -5.54
CA LYS D 39 5.17 -13.61 -5.67
C LYS D 39 6.09 -14.78 -5.36
N SER D 40 5.72 -15.64 -4.43
CA SER D 40 6.48 -16.86 -4.17
C SER D 40 5.65 -17.91 -3.49
N HIS D 41 6.11 -19.16 -3.47
CA HIS D 41 5.29 -20.27 -2.93
C HIS D 41 3.92 -20.47 -3.49
N THR D 42 3.87 -20.39 -4.83
CA THR D 42 2.60 -20.73 -5.55
C THR D 42 2.95 -21.67 -6.70
N LEU D 43 1.96 -22.34 -7.34
CA LEU D 43 2.41 -23.29 -8.39
C LEU D 43 2.88 -22.55 -9.65
N GLU D 44 2.39 -21.32 -9.87
CA GLU D 44 2.98 -20.48 -10.92
C GLU D 44 4.29 -19.79 -10.58
N ASN D 45 4.40 -19.35 -9.31
CA ASN D 45 5.59 -18.65 -8.83
C ASN D 45 6.14 -19.29 -7.58
N PRO D 46 7.09 -20.22 -7.77
CA PRO D 46 7.50 -21.07 -6.64
C PRO D 46 8.57 -20.40 -5.80
N PHE D 47 9.42 -19.60 -6.42
CA PHE D 47 10.64 -19.13 -5.84
C PHE D 47 10.54 -17.63 -5.55
N THR D 48 11.24 -17.30 -4.49
CA THR D 48 11.39 -15.90 -4.06
C THR D 48 12.18 -15.05 -5.00
N ALA D 49 12.18 -13.72 -4.87
CA ALA D 49 13.05 -12.86 -5.65
C ALA D 49 14.53 -13.13 -5.36
N GLY D 50 14.86 -13.25 -4.06
CA GLY D 50 16.20 -13.57 -3.64
C GLY D 50 16.73 -14.93 -4.15
N GLU D 51 15.91 -15.96 -4.19
CA GLU D 51 16.23 -17.20 -4.85
C GLU D 51 16.49 -17.07 -6.35
N ARG D 52 15.73 -16.28 -7.07
CA ARG D 52 15.80 -16.14 -8.51
C ARG D 52 17.05 -15.30 -8.80
N ILE D 53 17.38 -14.36 -7.89
CA ILE D 53 18.58 -13.60 -8.14
C ILE D 53 19.78 -14.55 -8.02
N LEU D 54 19.75 -15.45 -7.07
CA LEU D 54 20.85 -16.40 -6.89
C LEU D 54 20.84 -17.46 -8.01
N MET D 55 19.73 -17.90 -8.58
CA MET D 55 19.81 -18.73 -9.77
C MET D 55 20.47 -18.09 -10.97
N ILE D 56 20.19 -16.80 -11.15
CA ILE D 56 20.41 -16.07 -12.40
C ILE D 56 21.89 -15.64 -12.41
N THR D 57 22.30 -15.30 -11.20
CA THR D 57 23.68 -14.87 -10.93
C THR D 57 24.62 -16.07 -11.07
N GLN D 58 24.18 -17.22 -10.49
CA GLN D 58 25.11 -18.36 -10.47
C GLN D 58 25.20 -18.82 -11.91
N SER D 59 24.17 -18.62 -12.73
CA SER D 59 24.25 -19.03 -14.13
C SER D 59 25.01 -18.15 -15.10
N LEU D 60 25.20 -16.90 -14.77
CA LEU D 60 25.88 -15.99 -15.69
C LEU D 60 27.29 -15.66 -15.25
N LYS D 61 27.68 -15.86 -14.01
CA LYS D 61 28.91 -15.29 -13.51
C LYS D 61 30.16 -15.70 -14.30
N ASP D 62 30.17 -16.82 -15.00
CA ASP D 62 31.38 -17.25 -15.70
C ASP D 62 31.31 -17.07 -17.21
N TYR D 63 30.23 -16.45 -17.68
CA TYR D 63 30.13 -15.85 -19.00
C TYR D 63 30.81 -14.48 -18.93
N ASP D 64 31.21 -13.92 -20.06
CA ASP D 64 31.69 -12.53 -20.01
C ASP D 64 30.49 -11.66 -20.35
N LEU D 65 29.81 -11.21 -19.30
CA LEU D 65 28.55 -10.49 -19.40
C LEU D 65 28.53 -9.40 -18.32
N THR D 66 28.11 -8.19 -18.64
CA THR D 66 27.76 -7.25 -17.58
C THR D 66 26.24 -7.21 -17.50
N TYR D 67 25.71 -7.54 -16.34
CA TYR D 67 24.28 -7.61 -16.17
C TYR D 67 23.96 -7.06 -14.76
N TYR D 68 22.62 -7.02 -14.60
CA TYR D 68 22.12 -6.34 -13.37
C TYR D 68 20.77 -7.02 -13.12
N PRO D 69 20.73 -7.99 -12.25
CA PRO D 69 19.55 -8.74 -11.90
C PRO D 69 18.73 -7.94 -10.86
N ILE D 70 17.64 -7.35 -11.29
CA ILE D 70 17.00 -6.39 -10.31
C ILE D 70 15.52 -6.68 -10.12
N PRO D 71 15.13 -6.97 -8.87
CA PRO D 71 13.80 -7.46 -8.54
C PRO D 71 12.82 -6.32 -8.89
N ILE D 72 11.74 -6.67 -9.55
CA ILE D 72 10.67 -5.74 -9.83
C ILE D 72 9.33 -6.27 -9.31
N LYS D 73 8.74 -5.53 -8.37
CA LYS D 73 7.42 -5.95 -7.84
C LYS D 73 6.31 -5.88 -8.90
N ASP D 74 5.20 -6.57 -8.73
CA ASP D 74 4.01 -6.38 -9.54
C ASP D 74 3.33 -5.18 -8.89
N ILE D 75 3.22 -4.06 -9.55
CA ILE D 75 2.51 -2.93 -8.95
C ILE D 75 1.18 -2.98 -9.66
N GLU D 76 0.10 -2.40 -9.25
CA GLU D 76 -1.07 -2.65 -10.07
C GLU D 76 -1.45 -1.38 -10.78
N PHE D 77 -0.57 -0.95 -11.67
CA PHE D 77 -0.71 0.35 -12.24
C PHE D 77 0.10 0.58 -13.51
N ASN D 78 -0.39 0.03 -14.63
CA ASN D 78 0.43 -0.03 -15.86
C ASN D 78 1.04 1.27 -16.35
N SER D 79 0.32 2.37 -16.32
CA SER D 79 0.61 3.73 -16.64
C SER D 79 1.87 4.23 -15.98
N ILE D 80 2.30 3.74 -14.79
CA ILE D 80 3.54 4.36 -14.20
C ILE D 80 4.61 3.30 -14.14
N TRP D 81 4.29 2.11 -14.68
CA TRP D 81 5.21 0.98 -14.58
C TRP D 81 6.52 1.16 -15.29
N VAL D 82 6.60 1.85 -16.44
CA VAL D 82 7.93 2.19 -16.98
C VAL D 82 8.72 3.14 -16.10
N SER D 83 8.01 4.14 -15.52
CA SER D 83 8.81 5.01 -14.58
C SER D 83 9.33 4.24 -13.37
N TYR D 84 8.49 3.35 -12.85
CA TYR D 84 8.97 2.50 -11.73
C TYR D 84 10.25 1.81 -12.19
N VAL D 85 10.13 1.01 -13.24
CA VAL D 85 11.31 0.26 -13.77
C VAL D 85 12.51 1.17 -13.89
N GLU D 86 12.33 2.36 -14.41
CA GLU D 86 13.44 3.33 -14.59
C GLU D 86 14.02 3.76 -13.27
N SER D 87 13.12 3.88 -12.27
CA SER D 87 13.58 4.17 -10.91
C SER D 87 14.57 3.14 -10.37
N LEU D 88 14.39 1.89 -10.64
CA LEU D 88 15.18 0.85 -10.05
C LEU D 88 16.43 0.44 -10.84
N THR D 89 16.65 1.01 -12.03
CA THR D 89 17.59 0.38 -12.99
C THR D 89 18.47 1.41 -13.63
N PRO D 90 19.73 1.06 -13.93
CA PRO D 90 20.52 1.83 -14.87
C PRO D 90 19.80 2.08 -16.19
N PRO D 91 20.00 3.24 -16.78
CA PRO D 91 19.38 3.65 -18.04
C PRO D 91 19.65 2.70 -19.20
N PHE D 92 18.63 2.34 -19.97
CA PHE D 92 18.75 1.38 -21.02
C PHE D 92 18.21 1.89 -22.35
N ASP D 93 18.70 1.30 -23.44
CA ASP D 93 18.40 1.83 -24.77
C ASP D 93 17.49 0.93 -25.59
N ILE D 94 17.43 -0.35 -25.30
CA ILE D 94 16.61 -1.27 -26.11
C ILE D 94 15.89 -2.24 -25.16
N VAL D 95 14.63 -2.53 -25.42
CA VAL D 95 13.86 -3.50 -24.65
C VAL D 95 13.61 -4.74 -25.52
N TYR D 96 13.93 -5.90 -25.05
CA TYR D 96 13.60 -7.15 -25.75
C TYR D 96 12.37 -7.76 -25.10
N SER D 97 11.27 -7.92 -25.81
CA SER D 97 10.14 -8.64 -25.20
C SER D 97 9.17 -8.93 -26.34
N GLY D 98 8.52 -10.11 -26.24
CA GLY D 98 7.40 -10.34 -27.18
C GLY D 98 6.06 -10.19 -26.42
N ASN D 99 6.15 -9.81 -25.12
CA ASN D 99 4.84 -9.61 -24.43
C ASN D 99 4.21 -8.33 -24.95
N PRO D 100 3.07 -8.36 -25.61
CA PRO D 100 2.41 -7.13 -26.02
C PRO D 100 2.30 -6.05 -24.95
N LEU D 101 2.06 -6.32 -23.66
CA LEU D 101 1.77 -5.21 -22.77
C LEU D 101 3.08 -4.45 -22.54
N VAL D 102 4.10 -5.20 -22.18
CA VAL D 102 5.45 -4.65 -22.02
C VAL D 102 5.81 -3.80 -23.23
N ARG D 103 5.53 -4.38 -24.40
CA ARG D 103 5.87 -3.70 -25.65
C ARG D 103 5.11 -2.39 -25.77
N VAL D 104 3.79 -2.45 -25.49
CA VAL D 104 3.00 -1.19 -25.65
C VAL D 104 3.49 -0.12 -24.68
N LEU D 105 3.95 -0.50 -23.48
CA LEU D 105 4.11 0.51 -22.40
C LEU D 105 5.42 1.25 -22.72
N PHE D 106 6.40 0.48 -23.21
CA PHE D 106 7.72 1.03 -23.55
C PHE D 106 7.75 1.79 -24.86
N GLU D 107 6.99 1.38 -25.88
CA GLU D 107 6.80 2.13 -27.08
C GLU D 107 6.05 3.43 -26.90
N GLU D 108 5.04 3.52 -26.00
CA GLU D 108 4.40 4.81 -25.80
C GLU D 108 5.44 5.70 -25.10
N ARG D 109 6.43 5.17 -24.40
CA ARG D 109 7.47 6.05 -23.82
C ARG D 109 8.69 6.30 -24.72
N GLY D 110 8.46 6.04 -26.03
CA GLY D 110 9.54 6.29 -26.97
C GLY D 110 10.71 5.35 -26.90
N TYR D 111 10.61 4.12 -26.36
CA TYR D 111 11.75 3.22 -26.40
C TYR D 111 11.70 2.30 -27.64
N GLU D 112 12.87 1.83 -28.11
CA GLU D 112 12.81 0.79 -29.16
C GLU D 112 12.67 -0.59 -28.54
N VAL D 113 11.84 -1.42 -29.10
CA VAL D 113 11.38 -2.67 -28.49
C VAL D 113 11.55 -3.73 -29.60
N LYS D 114 12.12 -4.86 -29.29
CA LYS D 114 12.47 -5.91 -30.22
C LYS D 114 12.03 -7.26 -29.66
N ARG D 115 11.44 -8.09 -30.51
CA ARG D 115 11.22 -9.49 -30.12
C ARG D 115 12.50 -10.28 -30.07
N PRO D 116 12.72 -10.96 -28.98
CA PRO D 116 13.84 -11.90 -28.86
C PRO D 116 13.45 -13.17 -29.62
N GLU D 117 14.44 -14.00 -29.91
CA GLU D 117 14.28 -15.30 -30.53
C GLU D 117 13.85 -16.33 -29.48
N MET D 118 12.97 -17.24 -29.87
CA MET D 118 12.67 -18.40 -29.03
C MET D 118 13.59 -19.57 -29.34
N PHE D 119 14.06 -20.21 -28.27
CA PHE D 119 14.91 -21.40 -28.40
C PHE D 119 14.14 -22.57 -27.80
N ASN D 120 13.63 -23.49 -28.61
CA ASN D 120 13.38 -24.83 -28.08
C ASN D 120 12.24 -24.71 -27.06
N ARG D 121 11.23 -23.93 -27.49
CA ARG D 121 10.21 -23.49 -26.56
C ARG D 121 9.27 -24.58 -26.10
N LYS D 122 9.43 -25.83 -26.57
CA LYS D 122 8.59 -26.88 -26.02
C LYS D 122 9.23 -27.40 -24.75
N GLU D 123 10.55 -27.40 -24.63
CA GLU D 123 11.19 -27.89 -23.41
C GLU D 123 11.59 -26.74 -22.48
N TYR D 124 12.04 -25.64 -23.05
CA TYR D 124 12.61 -24.47 -22.41
C TYR D 124 11.52 -23.46 -22.08
N SER D 125 10.68 -23.84 -21.09
CA SER D 125 9.60 -22.97 -20.66
C SER D 125 9.29 -23.21 -19.19
N GLY D 126 9.10 -22.15 -18.39
CA GLY D 126 8.92 -22.37 -16.95
C GLY D 126 7.72 -23.24 -16.61
N THR D 127 6.61 -23.04 -17.27
CA THR D 127 5.42 -23.87 -17.13
C THR D 127 5.58 -25.38 -17.38
N GLU D 128 6.36 -25.71 -18.40
CA GLU D 128 6.78 -27.07 -18.64
C GLU D 128 7.76 -27.55 -17.58
N ILE D 129 8.74 -26.74 -17.19
CA ILE D 129 9.63 -27.21 -16.12
C ILE D 129 8.90 -27.55 -14.84
N ARG D 130 7.90 -26.76 -14.48
CA ARG D 130 7.35 -26.87 -13.12
C ARG D 130 6.37 -28.05 -13.14
N ARG D 131 5.75 -28.21 -14.30
CA ARG D 131 4.94 -29.40 -14.53
C ARG D 131 5.71 -30.71 -14.56
N ARG D 132 6.95 -30.78 -14.96
CA ARG D 132 7.73 -32.00 -14.87
C ARG D 132 8.19 -32.18 -13.42
N MET D 133 8.62 -31.06 -12.83
CA MET D 133 9.07 -31.16 -11.43
C MET D 133 7.92 -31.81 -10.63
N LEU D 134 6.71 -31.39 -10.87
CA LEU D 134 5.55 -31.89 -10.21
C LEU D 134 5.10 -33.30 -10.62
N ASN D 135 5.37 -33.74 -11.85
CA ASN D 135 4.91 -35.05 -12.27
C ASN D 135 5.93 -36.14 -11.94
N GLY D 136 7.17 -35.79 -11.66
CA GLY D 136 8.25 -36.76 -11.67
C GLY D 136 8.88 -36.95 -13.05
N GLU D 137 8.29 -36.40 -14.11
CA GLU D 137 9.00 -36.33 -15.39
C GLU D 137 10.31 -35.61 -15.21
N LYS D 138 11.35 -35.75 -16.03
CA LYS D 138 12.68 -35.28 -15.63
C LYS D 138 12.94 -33.81 -15.93
N TRP D 139 13.93 -33.11 -15.34
CA TRP D 139 14.10 -31.71 -15.69
C TRP D 139 15.46 -31.09 -15.71
N GLU D 140 16.55 -31.60 -15.18
CA GLU D 140 17.77 -30.84 -14.92
C GLU D 140 18.55 -30.42 -16.14
N HIS D 141 18.12 -30.99 -17.27
CA HIS D 141 18.91 -30.84 -18.51
C HIS D 141 18.17 -29.79 -19.35
N LEU D 142 17.08 -29.29 -18.72
CA LEU D 142 16.51 -28.01 -19.06
C LEU D 142 16.91 -26.73 -18.39
N VAL D 143 17.83 -26.64 -17.46
CA VAL D 143 18.30 -25.35 -16.92
C VAL D 143 19.80 -25.56 -16.70
N PRO D 144 20.58 -24.52 -16.56
CA PRO D 144 21.92 -24.58 -16.10
C PRO D 144 22.16 -25.45 -14.89
N LYS D 145 23.34 -26.09 -14.86
CA LYS D 145 23.70 -26.73 -13.59
C LYS D 145 23.50 -25.76 -12.43
N ALA D 146 23.69 -24.45 -12.63
CA ALA D 146 23.81 -23.63 -11.40
C ALA D 146 22.40 -23.61 -10.83
N VAL D 147 21.43 -23.71 -11.72
CA VAL D 147 20.02 -23.57 -11.34
C VAL D 147 19.52 -24.84 -10.64
N VAL D 148 19.90 -26.00 -11.21
CA VAL D 148 19.95 -27.22 -10.42
C VAL D 148 20.66 -27.08 -9.11
N ASP D 149 21.95 -26.68 -9.06
CA ASP D 149 22.53 -26.60 -7.71
C ASP D 149 21.47 -25.89 -6.86
N VAL D 150 20.94 -24.74 -7.36
CA VAL D 150 20.22 -23.87 -6.41
C VAL D 150 18.96 -24.52 -5.88
N ILE D 151 18.19 -24.99 -6.87
CA ILE D 151 16.96 -25.75 -6.63
C ILE D 151 17.10 -26.93 -5.69
N LYS D 152 18.33 -27.39 -5.45
CA LYS D 152 18.68 -28.36 -4.44
C LYS D 152 18.93 -27.78 -3.06
N GLU D 153 19.74 -26.71 -2.94
CA GLU D 153 19.92 -26.01 -1.69
C GLU D 153 18.55 -25.79 -1.05
N ILE D 154 17.56 -25.34 -1.83
CA ILE D 154 16.45 -24.63 -1.12
C ILE D 154 15.30 -25.59 -1.00
N LYS D 155 15.55 -26.79 -1.53
CA LYS D 155 14.54 -27.82 -1.80
C LYS D 155 13.33 -27.35 -2.58
N GLY D 156 13.51 -26.90 -3.84
CA GLY D 156 12.36 -26.18 -4.45
C GLY D 156 11.37 -27.16 -5.00
N VAL D 157 11.87 -28.35 -5.41
CA VAL D 157 10.97 -29.35 -5.99
C VAL D 157 10.05 -29.87 -4.88
N GLU D 158 10.59 -30.04 -3.68
CA GLU D 158 9.71 -30.52 -2.60
C GLU D 158 8.65 -29.44 -2.32
N ARG D 159 9.11 -28.21 -2.08
CA ARG D 159 8.17 -27.08 -1.97
C ARG D 159 7.07 -27.18 -2.99
N LEU D 160 7.46 -27.23 -4.30
CA LEU D 160 6.34 -27.22 -5.27
C LEU D 160 5.36 -28.36 -5.01
N ARG D 161 5.84 -29.54 -4.67
CA ARG D 161 5.02 -30.75 -4.58
C ARG D 161 4.13 -30.64 -3.35
N LYS D 162 4.70 -30.13 -2.23
CA LYS D 162 3.82 -29.80 -1.10
C LYS D 162 2.76 -28.77 -1.41
N LEU D 163 3.05 -27.74 -2.22
CA LEU D 163 2.02 -26.76 -2.58
C LEU D 163 0.89 -27.37 -3.41
N ALA D 164 1.24 -28.41 -4.15
CA ALA D 164 0.21 -29.10 -4.95
C ALA D 164 -0.61 -30.06 -4.07
N LEU E 1 2.34 -23.34 26.73
CA LEU E 1 2.32 -23.62 25.24
C LEU E 1 1.22 -22.84 24.55
N ARG E 2 1.48 -22.29 23.35
CA ARG E 2 0.43 -21.57 22.63
C ARG E 2 0.28 -22.07 21.15
N GLY E 3 -0.88 -22.51 20.82
CA GLY E 3 -1.23 -22.98 19.49
C GLY E 3 -1.85 -21.90 18.60
N PHE E 4 -1.68 -22.05 17.29
CA PHE E 4 -2.15 -21.06 16.31
C PHE E 4 -3.08 -21.78 15.33
N ILE E 5 -4.27 -21.25 15.08
CA ILE E 5 -5.03 -21.73 13.94
C ILE E 5 -5.54 -20.54 13.11
N ILE E 6 -5.73 -20.67 11.82
CA ILE E 6 -6.16 -19.58 10.94
C ILE E 6 -7.26 -20.10 10.03
N GLY E 7 -8.30 -19.29 9.91
CA GLY E 7 -9.41 -19.58 8.98
C GLY E 7 -10.08 -18.18 8.79
N ARG E 8 -11.03 -18.28 7.86
CA ARG E 8 -11.81 -17.12 7.43
C ARG E 8 -13.05 -17.06 8.33
N PHE E 9 -13.54 -18.15 8.93
CA PHE E 9 -14.65 -18.04 9.85
C PHE E 9 -15.85 -17.26 9.31
N GLN E 10 -16.36 -17.62 8.14
CA GLN E 10 -17.59 -17.01 7.61
C GLN E 10 -18.66 -18.10 7.36
N PRO E 11 -19.36 -18.43 8.43
CA PRO E 11 -19.09 -17.89 9.75
C PRO E 11 -18.36 -18.92 10.61
N PHE E 12 -17.90 -18.52 11.82
CA PHE E 12 -17.52 -19.57 12.81
C PHE E 12 -18.62 -20.59 13.01
N HIS E 13 -18.32 -21.87 13.01
CA HIS E 13 -19.35 -22.91 13.15
C HIS E 13 -18.95 -23.98 14.18
N LYS E 14 -19.77 -25.01 14.35
CA LYS E 14 -19.58 -26.03 15.36
C LYS E 14 -18.37 -26.90 15.11
N GLY E 15 -17.87 -26.97 13.89
CA GLY E 15 -16.64 -27.73 13.60
C GLY E 15 -15.48 -26.97 14.26
N HIS E 16 -15.49 -25.66 14.09
CA HIS E 16 -14.44 -24.75 14.54
C HIS E 16 -14.39 -24.82 16.08
N LEU E 17 -15.53 -24.92 16.72
CA LEU E 17 -15.71 -25.01 18.13
C LEU E 17 -15.09 -26.32 18.68
N GLU E 18 -15.45 -27.44 18.04
CA GLU E 18 -14.88 -28.71 18.38
C GLU E 18 -13.37 -28.70 18.18
N VAL E 19 -12.88 -28.25 17.02
CA VAL E 19 -11.46 -28.40 16.73
C VAL E 19 -10.66 -27.48 17.71
N ILE E 20 -11.32 -26.47 18.25
CA ILE E 20 -10.62 -25.57 19.16
C ILE E 20 -10.63 -26.25 20.54
N LYS E 21 -11.77 -26.78 20.95
CA LYS E 21 -11.84 -27.70 22.07
C LYS E 21 -10.82 -28.80 21.95
N LYS E 22 -10.60 -29.45 20.81
CA LYS E 22 -9.60 -30.51 20.71
C LYS E 22 -8.19 -29.97 20.99
N ILE E 23 -7.88 -28.83 20.37
CA ILE E 23 -6.58 -28.20 20.45
C ILE E 23 -6.34 -27.75 21.87
N ALA E 24 -7.32 -27.18 22.57
CA ALA E 24 -7.07 -26.68 23.93
C ALA E 24 -6.79 -27.86 24.86
N GLU E 25 -6.90 -29.12 24.37
CA GLU E 25 -6.42 -30.25 25.16
C GLU E 25 -4.91 -30.47 25.10
N GLU E 26 -4.21 -29.83 24.18
CA GLU E 26 -2.83 -30.08 23.88
C GLU E 26 -1.97 -28.87 24.27
N VAL E 27 -2.58 -27.71 24.34
CA VAL E 27 -1.80 -26.44 24.44
C VAL E 27 -2.57 -25.65 25.47
N ASP E 28 -1.98 -24.75 26.20
CA ASP E 28 -2.67 -23.89 27.15
C ASP E 28 -3.50 -22.77 26.56
N GLU E 29 -3.07 -22.16 25.47
CA GLU E 29 -3.75 -21.01 24.89
C GLU E 29 -3.85 -21.24 23.37
N ILE E 30 -4.79 -20.53 22.75
CA ILE E 30 -4.97 -20.60 21.31
C ILE E 30 -5.11 -19.18 20.74
N ILE E 31 -4.26 -18.89 19.78
CA ILE E 31 -4.42 -17.74 18.88
C ILE E 31 -5.28 -18.08 17.69
N ILE E 32 -6.51 -17.60 17.63
CA ILE E 32 -7.34 -17.57 16.47
C ILE E 32 -7.08 -16.42 15.51
N GLY E 33 -6.35 -16.76 14.45
CA GLY E 33 -6.14 -15.92 13.29
C GLY E 33 -7.38 -15.76 12.43
N ILE E 34 -7.88 -14.54 12.26
CA ILE E 34 -9.01 -14.37 11.33
C ILE E 34 -8.60 -13.96 9.93
N GLY E 35 -8.10 -14.85 9.11
CA GLY E 35 -7.69 -14.54 7.76
C GLY E 35 -8.65 -13.68 6.94
N SER E 36 -8.09 -13.26 5.79
CA SER E 36 -8.81 -12.41 4.84
C SER E 36 -9.65 -11.39 5.55
N ALA E 37 -8.93 -10.61 6.41
CA ALA E 37 -9.62 -9.72 7.37
C ALA E 37 -10.26 -8.56 6.66
N GLN E 38 -9.56 -8.08 5.60
CA GLN E 38 -10.17 -6.99 4.81
C GLN E 38 -11.25 -7.48 3.84
N LYS E 39 -11.45 -8.75 3.63
CA LYS E 39 -12.52 -9.19 2.70
C LYS E 39 -13.89 -9.24 3.40
N SER E 40 -14.86 -8.60 2.76
CA SER E 40 -16.24 -8.75 3.28
C SER E 40 -17.22 -8.30 2.19
N HIS E 41 -18.46 -8.67 2.41
CA HIS E 41 -19.53 -8.36 1.48
C HIS E 41 -19.38 -9.13 0.17
N THR E 42 -18.92 -10.36 0.27
CA THR E 42 -18.85 -11.19 -0.99
C THR E 42 -19.41 -12.57 -0.73
N LEU E 43 -19.82 -13.40 -1.68
CA LEU E 43 -20.51 -14.63 -1.32
C LEU E 43 -19.58 -15.59 -0.55
N GLU E 44 -18.26 -15.52 -0.80
CA GLU E 44 -17.29 -16.33 -0.06
C GLU E 44 -16.88 -15.72 1.29
N ASN E 45 -16.91 -14.42 1.35
CA ASN E 45 -16.56 -13.70 2.60
C ASN E 45 -17.64 -12.64 2.85
N PRO E 46 -18.78 -13.01 3.40
CA PRO E 46 -19.85 -12.10 3.69
C PRO E 46 -19.54 -11.14 4.82
N PHE E 47 -18.77 -11.55 5.83
CA PHE E 47 -18.73 -10.82 7.08
C PHE E 47 -17.36 -10.16 7.30
N THR E 48 -17.43 -8.93 7.79
CA THR E 48 -16.24 -8.14 8.16
C THR E 48 -15.44 -8.75 9.31
N ALA E 49 -14.17 -8.38 9.42
CA ALA E 49 -13.28 -8.85 10.49
C ALA E 49 -13.98 -8.59 11.85
N GLY E 50 -14.53 -7.37 11.98
CA GLY E 50 -15.16 -7.09 13.27
C GLY E 50 -16.33 -8.00 13.61
N GLU E 51 -17.29 -8.15 12.68
CA GLU E 51 -18.36 -9.15 12.85
C GLU E 51 -17.77 -10.52 13.16
N ARG E 52 -16.70 -11.03 12.51
CA ARG E 52 -16.19 -12.33 12.87
C ARG E 52 -15.60 -12.39 14.29
N ILE E 53 -14.83 -11.37 14.68
CA ILE E 53 -14.31 -11.28 16.05
C ILE E 53 -15.47 -11.34 17.04
N LEU E 54 -16.56 -10.67 16.72
CA LEU E 54 -17.73 -10.72 17.66
C LEU E 54 -18.31 -12.12 17.73
N MET E 55 -18.55 -12.76 16.59
CA MET E 55 -18.99 -14.17 16.57
C MET E 55 -18.13 -15.10 17.41
N ILE E 56 -16.82 -15.03 17.19
CA ILE E 56 -15.85 -15.91 17.83
C ILE E 56 -15.86 -15.66 19.32
N THR E 57 -15.69 -14.40 19.71
CA THR E 57 -15.68 -14.01 21.13
C THR E 57 -16.93 -14.34 21.92
N GLN E 58 -18.09 -14.14 21.39
CA GLN E 58 -19.37 -14.54 21.94
C GLN E 58 -19.63 -16.05 21.94
N SER E 59 -19.01 -16.80 21.02
CA SER E 59 -19.03 -18.26 21.16
C SER E 59 -18.19 -18.86 22.27
N LEU E 60 -17.01 -18.26 22.52
CA LEU E 60 -15.99 -18.92 23.37
C LEU E 60 -15.86 -18.35 24.78
N LYS E 61 -16.52 -17.22 24.99
CA LYS E 61 -16.35 -16.48 26.25
C LYS E 61 -16.76 -17.28 27.48
N ASP E 62 -17.74 -18.17 27.49
CA ASP E 62 -18.10 -18.89 28.69
C ASP E 62 -17.18 -20.10 28.94
N TYR E 63 -16.26 -20.39 28.02
CA TYR E 63 -15.61 -21.66 28.07
C TYR E 63 -14.39 -21.71 28.97
N ASP E 64 -13.75 -20.60 29.40
CA ASP E 64 -12.61 -20.91 30.30
C ASP E 64 -11.42 -21.45 29.52
N LEU E 65 -11.28 -20.94 28.31
CA LEU E 65 -10.08 -21.12 27.49
C LEU E 65 -9.47 -19.72 27.48
N THR E 66 -8.16 -19.61 27.40
CA THR E 66 -7.59 -18.32 26.99
C THR E 66 -7.34 -18.40 25.48
N TYR E 67 -7.81 -17.39 24.78
CA TYR E 67 -7.73 -17.35 23.33
C TYR E 67 -7.63 -15.89 22.86
N TYR E 68 -6.98 -15.67 21.73
CA TYR E 68 -6.82 -14.34 21.15
C TYR E 68 -7.30 -14.35 19.68
N PRO E 69 -8.47 -13.80 19.45
CA PRO E 69 -9.00 -13.63 18.11
C PRO E 69 -8.37 -12.41 17.42
N ILE E 70 -7.52 -12.67 16.44
CA ILE E 70 -6.74 -11.55 15.85
C ILE E 70 -6.89 -11.46 14.36
N PRO E 71 -7.30 -10.31 13.85
CA PRO E 71 -7.56 -10.14 12.43
C PRO E 71 -6.30 -10.10 11.62
N ILE E 72 -6.17 -10.86 10.56
CA ILE E 72 -4.97 -10.94 9.72
C ILE E 72 -5.37 -10.68 8.26
N LYS E 73 -4.95 -9.55 7.72
CA LYS E 73 -5.30 -9.25 6.32
C LYS E 73 -4.55 -10.14 5.34
N ASP E 74 -5.11 -10.22 4.12
CA ASP E 74 -4.39 -10.87 3.03
C ASP E 74 -3.35 -9.88 2.50
N ILE E 75 -2.08 -10.27 2.42
CA ILE E 75 -1.04 -9.30 2.12
C ILE E 75 -0.62 -9.91 0.81
N GLU E 76 0.19 -9.43 -0.09
CA GLU E 76 0.27 -10.37 -1.21
C GLU E 76 1.62 -11.02 -1.29
N PHE E 77 2.10 -11.66 -0.22
CA PHE E 77 3.57 -11.69 -0.08
C PHE E 77 4.01 -12.83 0.84
N ASN E 78 4.00 -14.06 0.31
CA ASN E 78 4.00 -15.26 1.13
C ASN E 78 5.31 -15.44 1.88
N SER E 79 6.39 -14.92 1.30
CA SER E 79 7.71 -14.97 1.90
C SER E 79 7.85 -14.14 3.19
N ILE E 80 6.94 -13.19 3.46
CA ILE E 80 7.06 -12.39 4.67
C ILE E 80 5.85 -12.68 5.57
N TRP E 81 5.00 -13.58 5.09
CA TRP E 81 3.72 -13.77 5.81
C TRP E 81 3.83 -14.31 7.23
N VAL E 82 4.71 -15.29 7.44
CA VAL E 82 4.95 -15.74 8.81
C VAL E 82 5.36 -14.59 9.76
N SER E 83 6.36 -13.83 9.39
CA SER E 83 6.72 -12.62 10.12
C SER E 83 5.58 -11.63 10.33
N TYR E 84 4.77 -11.41 9.30
CA TYR E 84 3.54 -10.61 9.48
C TYR E 84 2.65 -11.17 10.58
N VAL E 85 2.30 -12.47 10.53
CA VAL E 85 1.51 -13.12 11.52
C VAL E 85 2.17 -13.09 12.92
N GLU E 86 3.48 -13.19 12.98
CA GLU E 86 4.20 -13.13 14.25
C GLU E 86 4.17 -11.72 14.86
N SER E 87 4.02 -10.69 14.02
CA SER E 87 4.01 -9.29 14.40
C SER E 87 2.71 -8.98 15.16
N LEU E 88 1.67 -9.71 14.73
CA LEU E 88 0.32 -9.40 15.23
C LEU E 88 -0.15 -10.26 16.40
N THR E 89 0.57 -11.27 16.80
CA THR E 89 0.11 -12.32 17.69
C THR E 89 1.10 -12.57 18.84
N PRO E 90 0.60 -13.07 19.96
CA PRO E 90 1.53 -13.60 20.99
C PRO E 90 2.51 -14.55 20.31
N PRO E 91 3.60 -14.87 21.00
CA PRO E 91 4.49 -15.95 20.63
C PRO E 91 3.79 -17.30 20.77
N PHE E 92 3.91 -18.13 19.73
CA PHE E 92 3.27 -19.43 19.75
C PHE E 92 4.25 -20.54 19.41
N ASP E 93 3.81 -21.76 19.73
CA ASP E 93 4.69 -22.94 19.60
C ASP E 93 4.25 -23.90 18.49
N ILE E 94 2.95 -24.06 18.31
CA ILE E 94 2.42 -25.12 17.42
C ILE E 94 1.40 -24.49 16.46
N VAL E 95 1.48 -24.87 15.19
CA VAL E 95 0.42 -24.38 14.26
C VAL E 95 -0.48 -25.57 13.94
N TYR E 96 -1.81 -25.47 14.02
CA TYR E 96 -2.65 -26.56 13.47
C TYR E 96 -3.23 -26.18 12.10
N SER E 97 -2.81 -26.80 11.02
CA SER E 97 -3.45 -26.40 9.73
C SER E 97 -3.28 -27.60 8.79
N GLY E 98 -4.23 -27.83 7.90
CA GLY E 98 -4.04 -28.84 6.87
C GLY E 98 -3.99 -28.12 5.50
N ASN E 99 -3.75 -26.80 5.54
CA ASN E 99 -3.59 -26.02 4.31
C ASN E 99 -2.18 -26.03 3.78
N PRO E 100 -1.98 -26.36 2.49
CA PRO E 100 -0.63 -26.70 2.03
C PRO E 100 0.26 -25.48 2.09
N LEU E 101 -0.25 -24.33 1.75
CA LEU E 101 0.57 -23.09 1.82
C LEU E 101 0.92 -22.69 3.27
N VAL E 102 -0.08 -22.58 4.14
CA VAL E 102 0.17 -22.25 5.56
C VAL E 102 1.21 -23.20 6.13
N ARG E 103 0.98 -24.45 5.82
CA ARG E 103 1.81 -25.50 6.26
C ARG E 103 3.25 -25.36 5.74
N VAL E 104 3.42 -25.07 4.45
CA VAL E 104 4.75 -24.90 3.88
C VAL E 104 5.46 -23.69 4.45
N LEU E 105 4.74 -22.58 4.62
CA LEU E 105 5.48 -21.36 5.10
C LEU E 105 5.96 -21.55 6.56
N PHE E 106 5.09 -22.03 7.43
CA PHE E 106 5.49 -22.32 8.83
C PHE E 106 6.59 -23.33 9.00
N GLU E 107 6.51 -24.52 8.38
CA GLU E 107 7.65 -25.41 8.32
C GLU E 107 8.99 -24.92 7.83
N GLU E 108 9.05 -24.13 6.73
CA GLU E 108 10.27 -23.47 6.32
C GLU E 108 10.80 -22.55 7.40
N ARG E 109 9.91 -22.00 8.27
CA ARG E 109 10.48 -21.19 9.38
C ARG E 109 10.82 -22.00 10.64
N GLY E 110 10.63 -23.31 10.63
CA GLY E 110 11.06 -24.13 11.79
C GLY E 110 9.93 -24.45 12.73
N TYR E 111 8.67 -24.12 12.45
CA TYR E 111 7.58 -24.36 13.40
C TYR E 111 7.16 -25.84 13.23
N GLU E 112 6.47 -26.31 14.26
CA GLU E 112 5.80 -27.62 14.20
C GLU E 112 4.36 -27.35 13.72
N VAL E 113 4.05 -28.04 12.62
CA VAL E 113 2.72 -28.00 12.08
C VAL E 113 1.99 -29.34 12.17
N LYS E 114 0.78 -29.33 12.70
CA LYS E 114 -0.01 -30.54 12.87
C LYS E 114 -1.34 -30.40 12.13
N ARG E 115 -1.85 -31.46 11.55
CA ARG E 115 -3.23 -31.44 11.06
C ARG E 115 -4.25 -31.53 12.18
N PRO E 116 -5.24 -30.66 12.16
CA PRO E 116 -6.39 -30.77 13.04
C PRO E 116 -7.38 -31.84 12.57
N GLU E 117 -8.07 -32.45 13.51
CA GLU E 117 -9.10 -33.43 13.20
C GLU E 117 -10.31 -32.73 12.59
N MET E 118 -10.93 -33.33 11.61
CA MET E 118 -12.11 -32.74 11.00
C MET E 118 -13.30 -33.25 11.80
N PHE E 119 -14.30 -32.43 12.08
CA PHE E 119 -15.54 -32.97 12.60
C PHE E 119 -16.71 -32.68 11.68
N ASN E 120 -17.40 -33.71 11.22
CA ASN E 120 -18.69 -33.58 10.57
C ASN E 120 -18.55 -32.56 9.43
N ARG E 121 -17.52 -32.67 8.63
CA ARG E 121 -17.33 -31.76 7.53
C ARG E 121 -18.39 -31.69 6.45
N LYS E 122 -19.25 -32.65 6.18
CA LYS E 122 -20.27 -32.42 5.16
C LYS E 122 -21.28 -31.38 5.62
N GLU E 123 -21.37 -31.07 6.91
CA GLU E 123 -22.30 -30.06 7.40
C GLU E 123 -21.52 -28.89 8.00
N TYR E 124 -20.42 -29.22 8.68
CA TYR E 124 -19.69 -28.16 9.41
C TYR E 124 -18.65 -27.50 8.51
N SER E 125 -19.10 -26.65 7.61
CA SER E 125 -18.24 -25.95 6.66
C SER E 125 -18.91 -24.63 6.27
N GLY E 126 -18.15 -23.54 6.28
CA GLY E 126 -18.74 -22.22 5.88
C GLY E 126 -19.35 -22.33 4.46
N THR E 127 -18.64 -22.97 3.53
CA THR E 127 -19.30 -23.16 2.19
C THR E 127 -20.72 -23.69 2.29
N GLU E 128 -20.88 -24.80 3.06
CA GLU E 128 -22.19 -25.46 3.08
C GLU E 128 -23.16 -24.62 3.88
N ILE E 129 -22.63 -23.86 4.87
CA ILE E 129 -23.51 -22.96 5.64
C ILE E 129 -23.97 -21.78 4.79
N ARG E 130 -23.07 -21.21 3.98
CA ARG E 130 -23.56 -20.04 3.20
C ARG E 130 -24.54 -20.52 2.12
N ARG E 131 -24.28 -21.73 1.63
CA ARG E 131 -25.13 -22.33 0.61
C ARG E 131 -26.57 -22.55 1.04
N ARG E 132 -26.76 -23.01 2.27
CA ARG E 132 -28.06 -23.12 2.89
C ARG E 132 -28.68 -21.77 3.22
N MET E 133 -27.85 -20.79 3.65
CA MET E 133 -28.41 -19.47 3.90
C MET E 133 -29.05 -18.97 2.60
N LEU E 134 -28.28 -19.06 1.53
CA LEU E 134 -28.72 -18.66 0.20
C LEU E 134 -29.94 -19.41 -0.31
N ASN E 135 -29.90 -20.72 -0.24
CA ASN E 135 -30.92 -21.56 -0.90
C ASN E 135 -32.05 -21.94 0.02
N GLY E 136 -32.14 -21.28 1.19
CA GLY E 136 -33.23 -21.42 2.12
C GLY E 136 -33.26 -22.66 2.99
N GLU E 137 -32.17 -23.38 3.23
CA GLU E 137 -32.30 -24.59 4.06
C GLU E 137 -31.88 -24.26 5.48
N LYS E 138 -32.20 -25.10 6.47
CA LYS E 138 -31.93 -24.64 7.85
C LYS E 138 -30.41 -24.75 8.08
N TRP E 139 -29.78 -23.84 8.74
CA TRP E 139 -28.37 -23.84 9.04
C TRP E 139 -28.08 -23.50 10.51
N GLU E 140 -29.07 -23.10 11.29
CA GLU E 140 -28.85 -22.59 12.63
C GLU E 140 -28.22 -23.58 13.61
N HIS E 141 -28.57 -24.83 13.44
CA HIS E 141 -28.06 -25.90 14.30
C HIS E 141 -26.62 -26.26 13.89
N LEU E 142 -26.08 -25.71 12.80
CA LEU E 142 -24.67 -25.95 12.47
C LEU E 142 -23.67 -25.00 13.12
N VAL E 143 -24.11 -23.90 13.71
CA VAL E 143 -23.19 -23.00 14.45
C VAL E 143 -23.60 -22.79 15.90
N PRO E 144 -22.72 -22.24 16.75
CA PRO E 144 -23.05 -21.89 18.12
C PRO E 144 -24.21 -20.91 18.17
N LYS E 145 -25.13 -21.01 19.12
CA LYS E 145 -26.19 -20.04 19.28
C LYS E 145 -25.69 -18.59 19.30
N ALA E 146 -24.51 -18.30 19.88
CA ALA E 146 -24.05 -16.90 19.84
C ALA E 146 -23.92 -16.44 18.38
N VAL E 147 -23.44 -17.36 17.50
CA VAL E 147 -23.23 -16.95 16.11
C VAL E 147 -24.57 -16.66 15.44
N VAL E 148 -25.56 -17.56 15.69
CA VAL E 148 -26.94 -17.22 15.25
C VAL E 148 -27.36 -15.84 15.72
N ASP E 149 -27.21 -15.55 17.00
CA ASP E 149 -27.47 -14.21 17.54
C ASP E 149 -26.83 -13.05 16.79
N VAL E 150 -25.52 -13.08 16.57
CA VAL E 150 -24.80 -12.03 15.87
C VAL E 150 -25.25 -11.82 14.43
N ILE E 151 -25.43 -12.92 13.72
CA ILE E 151 -25.92 -12.93 12.35
C ILE E 151 -27.31 -12.31 12.23
N LYS E 152 -28.15 -12.55 13.25
CA LYS E 152 -29.40 -11.81 13.39
C LYS E 152 -29.23 -10.31 13.60
N GLU E 153 -28.54 -9.87 14.61
CA GLU E 153 -28.18 -8.47 14.82
C GLU E 153 -27.82 -7.83 13.50
N ILE E 154 -26.91 -8.38 12.68
CA ILE E 154 -26.26 -7.66 11.60
C ILE E 154 -27.02 -7.87 10.30
N LYS E 155 -28.15 -8.58 10.39
CA LYS E 155 -28.84 -9.15 9.25
C LYS E 155 -27.89 -9.72 8.19
N GLY E 156 -27.13 -10.73 8.50
CA GLY E 156 -26.10 -11.24 7.56
C GLY E 156 -26.75 -12.13 6.51
N VAL E 157 -27.81 -12.85 6.88
CA VAL E 157 -28.49 -13.64 5.84
C VAL E 157 -29.09 -12.74 4.74
N GLU E 158 -29.76 -11.66 5.10
CA GLU E 158 -30.26 -10.73 4.06
C GLU E 158 -29.07 -10.21 3.23
N ARG E 159 -27.96 -9.87 3.95
CA ARG E 159 -26.85 -9.25 3.20
C ARG E 159 -26.45 -10.20 2.08
N LEU E 160 -26.21 -11.45 2.47
CA LEU E 160 -25.76 -12.48 1.56
C LEU E 160 -26.73 -12.66 0.39
N ARG E 161 -28.01 -12.79 0.65
CA ARG E 161 -29.03 -12.94 -0.37
C ARG E 161 -29.09 -11.72 -1.29
N LYS E 162 -28.91 -10.52 -0.74
CA LYS E 162 -28.83 -9.33 -1.62
C LYS E 162 -27.62 -9.34 -2.53
N LEU E 163 -26.50 -9.88 -2.05
CA LEU E 163 -25.28 -9.89 -2.85
C LEU E 163 -25.38 -10.90 -3.97
N ALA E 164 -26.11 -11.99 -3.67
CA ALA E 164 -26.30 -12.99 -4.77
C ALA E 164 -27.31 -12.40 -5.81
N LEU F 1 -28.91 18.97 -3.90
CA LEU F 1 -29.30 17.56 -4.21
C LEU F 1 -28.22 17.07 -5.19
N ARG F 2 -27.29 16.27 -4.66
CA ARG F 2 -26.33 15.66 -5.61
C ARG F 2 -26.59 14.19 -5.89
N GLY F 3 -26.33 13.71 -7.10
CA GLY F 3 -26.36 12.28 -7.36
C GLY F 3 -24.95 11.70 -7.61
N PHE F 4 -24.78 10.41 -7.47
CA PHE F 4 -23.51 9.73 -7.74
C PHE F 4 -23.78 8.62 -8.73
N ILE F 5 -22.91 8.45 -9.71
CA ILE F 5 -22.89 7.21 -10.49
C ILE F 5 -21.43 6.76 -10.54
N ILE F 6 -21.17 5.45 -10.67
CA ILE F 6 -19.79 5.02 -10.98
C ILE F 6 -19.71 3.99 -12.13
N GLY F 7 -18.67 4.14 -12.96
CA GLY F 7 -18.49 3.24 -14.11
C GLY F 7 -16.97 3.22 -14.33
N ARG F 8 -16.54 2.41 -15.28
CA ARG F 8 -15.15 2.47 -15.74
C ARG F 8 -15.08 3.44 -16.94
N PHE F 9 -16.14 3.54 -17.72
CA PHE F 9 -16.17 4.45 -18.87
C PHE F 9 -15.02 4.16 -19.84
N GLN F 10 -14.88 2.92 -20.34
CA GLN F 10 -13.83 2.64 -21.32
C GLN F 10 -14.44 2.16 -22.62
N PRO F 11 -14.94 3.10 -23.43
CA PRO F 11 -14.86 4.52 -23.06
C PRO F 11 -16.24 4.97 -22.65
N PHE F 12 -16.39 6.20 -22.22
CA PHE F 12 -17.66 6.88 -22.07
C PHE F 12 -18.44 6.87 -23.41
N HIS F 13 -19.68 6.47 -23.35
CA HIS F 13 -20.39 6.16 -24.61
C HIS F 13 -21.74 6.88 -24.57
N LYS F 14 -22.58 6.67 -25.57
CA LYS F 14 -23.86 7.40 -25.63
C LYS F 14 -24.93 6.91 -24.71
N GLY F 15 -24.82 5.65 -24.22
CA GLY F 15 -25.73 5.25 -23.13
C GLY F 15 -25.38 5.98 -21.82
N HIS F 16 -24.09 6.21 -21.57
CA HIS F 16 -23.68 6.99 -20.40
C HIS F 16 -24.27 8.41 -20.53
N LEU F 17 -24.14 8.94 -21.74
CA LEU F 17 -24.59 10.36 -21.93
C LEU F 17 -26.09 10.46 -21.69
N GLU F 18 -26.87 9.46 -22.13
CA GLU F 18 -28.28 9.45 -21.88
C GLU F 18 -28.61 9.27 -20.41
N VAL F 19 -27.92 8.33 -19.72
CA VAL F 19 -28.35 8.09 -18.34
C VAL F 19 -27.99 9.32 -17.51
N ILE F 20 -26.89 9.98 -17.90
CA ILE F 20 -26.57 11.22 -17.15
C ILE F 20 -27.56 12.37 -17.41
N LYS F 21 -28.14 12.34 -18.60
CA LYS F 21 -29.13 13.39 -18.92
C LYS F 21 -30.40 13.16 -18.14
N LYS F 22 -30.80 11.90 -18.00
CA LYS F 22 -31.92 11.48 -17.21
C LYS F 22 -31.74 11.79 -15.74
N ILE F 23 -30.54 11.50 -15.21
CA ILE F 23 -30.28 11.68 -13.77
C ILE F 23 -30.26 13.17 -13.44
N ALA F 24 -29.83 13.99 -14.36
CA ALA F 24 -29.83 15.43 -14.28
C ALA F 24 -31.23 16.03 -14.38
N GLU F 25 -32.25 15.22 -14.61
CA GLU F 25 -33.63 15.64 -14.38
C GLU F 25 -34.05 15.51 -12.93
N GLU F 26 -33.36 14.74 -12.10
CA GLU F 26 -33.77 14.43 -10.74
C GLU F 26 -32.96 15.10 -9.65
N VAL F 27 -31.85 15.74 -10.00
CA VAL F 27 -30.80 16.06 -9.00
C VAL F 27 -30.18 17.34 -9.49
N ASP F 28 -29.62 18.21 -8.65
CA ASP F 28 -28.94 19.42 -9.12
C ASP F 28 -27.58 19.20 -9.73
N GLU F 29 -26.81 18.23 -9.23
CA GLU F 29 -25.43 18.02 -9.67
C GLU F 29 -25.11 16.51 -9.69
N ILE F 30 -24.24 16.10 -10.61
CA ILE F 30 -23.92 14.67 -10.69
C ILE F 30 -22.45 14.45 -10.44
N ILE F 31 -22.13 13.61 -9.44
CA ILE F 31 -20.74 13.13 -9.38
C ILE F 31 -20.50 11.92 -10.26
N ILE F 32 -19.48 11.97 -11.07
CA ILE F 32 -19.17 10.87 -11.97
C ILE F 32 -17.87 10.22 -11.43
N GLY F 33 -18.08 9.18 -10.62
CA GLY F 33 -17.00 8.33 -10.16
C GLY F 33 -16.39 7.57 -11.35
N ILE F 34 -15.08 7.74 -11.52
CA ILE F 34 -14.38 6.93 -12.54
C ILE F 34 -13.67 5.75 -11.88
N GLY F 35 -14.29 4.58 -11.86
CA GLY F 35 -13.79 3.45 -11.04
C GLY F 35 -12.61 2.84 -11.73
N SER F 36 -11.99 1.87 -11.03
CA SER F 36 -10.80 1.21 -11.61
C SER F 36 -9.89 2.21 -12.23
N ALA F 37 -9.49 3.27 -11.40
CA ALA F 37 -8.79 4.42 -11.92
C ALA F 37 -7.32 4.15 -12.27
N GLN F 38 -6.73 3.20 -11.54
CA GLN F 38 -5.37 2.80 -11.80
C GLN F 38 -5.29 1.78 -12.94
N LYS F 39 -6.40 1.16 -13.36
CA LYS F 39 -6.38 0.16 -14.39
C LYS F 39 -6.28 0.76 -15.79
N SER F 40 -5.25 0.42 -16.56
CA SER F 40 -5.18 0.92 -17.96
C SER F 40 -4.30 -0.03 -18.81
N HIS F 41 -4.34 0.14 -20.13
CA HIS F 41 -3.67 -0.74 -21.10
C HIS F 41 -4.03 -2.22 -20.87
N THR F 42 -5.30 -2.48 -20.73
CA THR F 42 -5.75 -3.91 -20.82
C THR F 42 -6.87 -4.03 -21.80
N LEU F 43 -7.38 -5.21 -22.18
CA LEU F 43 -8.51 -5.30 -23.10
C LEU F 43 -9.82 -4.87 -22.44
N GLU F 44 -10.02 -4.99 -21.15
CA GLU F 44 -11.24 -4.45 -20.50
C GLU F 44 -11.04 -2.97 -20.11
N ASN F 45 -9.81 -2.60 -19.82
CA ASN F 45 -9.54 -1.22 -19.30
C ASN F 45 -8.43 -0.62 -20.14
N PRO F 46 -8.76 -0.05 -21.31
CA PRO F 46 -7.65 0.31 -22.23
C PRO F 46 -7.08 1.70 -21.84
N PHE F 47 -7.90 2.52 -21.21
CA PHE F 47 -7.57 3.93 -21.03
C PHE F 47 -7.31 4.25 -19.57
N THR F 48 -6.38 5.19 -19.42
CA THR F 48 -5.98 5.69 -18.06
C THR F 48 -7.07 6.54 -17.48
N ALA F 49 -6.90 6.99 -16.23
CA ALA F 49 -7.90 7.74 -15.50
C ALA F 49 -8.00 9.13 -16.15
N GLY F 50 -6.84 9.66 -16.54
CA GLY F 50 -6.70 11.05 -17.02
C GLY F 50 -7.34 11.02 -18.43
N GLU F 51 -7.01 10.05 -19.28
CA GLU F 51 -7.80 9.85 -20.51
C GLU F 51 -9.29 9.84 -20.35
N ARG F 52 -9.79 9.10 -19.37
CA ARG F 52 -11.22 9.05 -19.11
C ARG F 52 -11.80 10.39 -18.72
N ILE F 53 -11.15 11.02 -17.71
CA ILE F 53 -11.52 12.36 -17.30
C ILE F 53 -11.58 13.29 -18.51
N LEU F 54 -10.58 13.26 -19.38
CA LEU F 54 -10.65 14.12 -20.57
C LEU F 54 -11.81 13.77 -21.50
N MET F 55 -12.06 12.47 -21.77
CA MET F 55 -13.24 12.11 -22.53
C MET F 55 -14.52 12.70 -21.95
N ILE F 56 -14.69 12.48 -20.66
CA ILE F 56 -15.95 12.80 -20.00
C ILE F 56 -16.18 14.29 -20.02
N THR F 57 -15.18 15.04 -19.51
CA THR F 57 -15.26 16.48 -19.52
C THR F 57 -15.52 17.02 -20.93
N GLN F 58 -14.77 16.65 -21.95
CA GLN F 58 -15.00 17.11 -23.30
C GLN F 58 -16.40 16.75 -23.82
N SER F 59 -16.99 15.64 -23.35
CA SER F 59 -18.35 15.31 -23.75
C SER F 59 -19.44 16.20 -23.15
N LEU F 60 -19.31 16.52 -21.87
CA LEU F 60 -20.35 17.12 -21.08
C LEU F 60 -20.20 18.64 -20.98
N LYS F 61 -19.12 19.23 -21.41
CA LYS F 61 -18.78 20.61 -21.06
C LYS F 61 -19.74 21.66 -21.63
N ASP F 62 -20.33 21.42 -22.78
CA ASP F 62 -21.27 22.41 -23.32
C ASP F 62 -22.69 22.14 -22.85
N TYR F 63 -22.92 21.09 -22.04
CA TYR F 63 -24.27 20.88 -21.54
C TYR F 63 -24.41 21.73 -20.27
N ASP F 64 -25.66 22.06 -19.94
CA ASP F 64 -25.91 22.94 -18.80
C ASP F 64 -26.01 22.08 -17.54
N LEU F 65 -24.89 21.55 -17.09
CA LEU F 65 -24.90 20.44 -16.13
C LEU F 65 -23.72 20.75 -15.20
N THR F 66 -23.92 20.66 -13.90
CA THR F 66 -22.83 20.64 -12.95
C THR F 66 -22.45 19.18 -12.62
N TYR F 67 -21.26 18.77 -13.07
CA TYR F 67 -20.80 17.42 -12.79
C TYR F 67 -19.35 17.41 -12.31
N TYR F 68 -18.91 16.30 -11.69
CA TYR F 68 -17.60 16.19 -11.06
C TYR F 68 -17.02 14.81 -11.47
N PRO F 69 -16.12 14.81 -12.41
CA PRO F 69 -15.54 13.58 -12.92
C PRO F 69 -14.36 13.19 -12.02
N ILE F 70 -14.58 12.23 -11.11
CA ILE F 70 -13.56 11.96 -10.07
C ILE F 70 -13.00 10.56 -10.09
N PRO F 71 -11.71 10.37 -10.31
CA PRO F 71 -11.05 9.07 -10.33
C PRO F 71 -11.01 8.35 -8.97
N ILE F 72 -11.55 7.13 -8.95
CA ILE F 72 -11.66 6.27 -7.81
C ILE F 72 -10.91 4.97 -8.04
N LYS F 73 -9.87 4.78 -7.24
CA LYS F 73 -9.02 3.57 -7.32
C LYS F 73 -9.80 2.32 -6.97
N ASP F 74 -9.55 1.12 -7.51
CA ASP F 74 -9.96 -0.16 -6.86
C ASP F 74 -9.13 -0.36 -5.59
N ILE F 75 -9.76 -0.55 -4.41
CA ILE F 75 -8.98 -0.51 -3.17
C ILE F 75 -9.35 -1.94 -2.78
N GLU F 76 -8.75 -2.72 -1.96
CA GLU F 76 -9.41 -4.02 -1.88
C GLU F 76 -10.01 -4.20 -0.52
N PHE F 77 -11.09 -3.44 -0.29
CA PHE F 77 -11.61 -3.35 1.04
C PHE F 77 -13.04 -2.81 1.15
N ASN F 78 -14.02 -3.67 0.93
CA ASN F 78 -15.37 -3.22 0.59
C ASN F 78 -16.01 -2.46 1.76
N SER F 79 -15.58 -2.81 2.97
CA SER F 79 -16.22 -2.30 4.19
C SER F 79 -15.86 -0.85 4.41
N ILE F 80 -14.79 -0.32 3.79
CA ILE F 80 -14.42 1.09 3.91
C ILE F 80 -14.68 1.86 2.60
N TRP F 81 -15.20 1.18 1.60
CA TRP F 81 -15.24 1.67 0.24
C TRP F 81 -16.16 2.87 0.20
N VAL F 82 -17.35 2.84 0.88
CA VAL F 82 -18.17 4.02 0.87
C VAL F 82 -17.52 5.29 1.46
N SER F 83 -16.76 5.11 2.54
CA SER F 83 -16.02 6.24 3.12
C SER F 83 -14.91 6.75 2.22
N TYR F 84 -14.18 5.85 1.56
CA TYR F 84 -13.18 6.22 0.57
C TYR F 84 -13.83 7.05 -0.54
N VAL F 85 -14.93 6.49 -1.11
CA VAL F 85 -15.62 7.41 -2.12
C VAL F 85 -16.00 8.75 -1.50
N GLU F 86 -16.68 8.73 -0.36
CA GLU F 86 -17.01 10.02 0.31
C GLU F 86 -15.85 10.97 0.53
N SER F 87 -14.63 10.47 0.70
CA SER F 87 -13.43 11.26 1.01
C SER F 87 -13.17 12.15 -0.24
N LEU F 88 -13.30 11.49 -1.39
CA LEU F 88 -12.89 12.04 -2.68
C LEU F 88 -13.98 12.87 -3.38
N THR F 89 -15.20 12.93 -2.90
CA THR F 89 -16.32 13.49 -3.66
C THR F 89 -17.00 14.56 -2.84
N PRO F 90 -17.65 15.57 -3.45
CA PRO F 90 -18.69 16.36 -2.79
C PRO F 90 -19.77 15.56 -2.11
N PRO F 91 -20.28 15.92 -0.94
CA PRO F 91 -21.44 15.29 -0.37
C PRO F 91 -22.51 15.04 -1.43
N PHE F 92 -23.17 13.91 -1.25
CA PHE F 92 -24.23 13.52 -2.21
C PHE F 92 -25.27 12.74 -1.41
N ASP F 93 -26.39 12.43 -2.08
CA ASP F 93 -27.66 12.13 -1.49
C ASP F 93 -28.25 10.86 -2.11
N ILE F 94 -28.09 10.68 -3.41
CA ILE F 94 -28.71 9.56 -4.11
C ILE F 94 -27.57 8.88 -4.94
N VAL F 95 -27.67 7.58 -5.03
CA VAL F 95 -26.67 6.80 -5.77
C VAL F 95 -27.53 6.11 -6.88
N TYR F 96 -27.01 6.13 -8.09
CA TYR F 96 -27.65 5.40 -9.18
C TYR F 96 -26.83 4.18 -9.53
N SER F 97 -27.32 2.98 -9.18
CA SER F 97 -26.56 1.79 -9.47
C SER F 97 -27.47 0.59 -9.62
N GLY F 98 -27.20 -0.31 -10.52
CA GLY F 98 -27.86 -1.58 -10.61
C GLY F 98 -26.95 -2.69 -10.06
N ASN F 99 -25.74 -2.34 -9.64
CA ASN F 99 -24.77 -3.36 -9.24
C ASN F 99 -25.04 -3.79 -7.79
N PRO F 100 -25.25 -5.08 -7.56
CA PRO F 100 -25.56 -5.63 -6.26
C PRO F 100 -24.66 -5.22 -5.10
N LEU F 101 -23.37 -5.35 -5.19
CA LEU F 101 -22.40 -4.82 -4.25
C LEU F 101 -22.50 -3.34 -4.05
N VAL F 102 -22.49 -2.45 -5.08
CA VAL F 102 -22.48 -1.02 -4.80
C VAL F 102 -23.75 -0.69 -4.01
N ARG F 103 -24.81 -1.41 -4.33
CA ARG F 103 -26.13 -1.15 -3.74
C ARG F 103 -26.15 -1.60 -2.28
N VAL F 104 -25.63 -2.80 -2.04
CA VAL F 104 -25.51 -3.23 -0.63
C VAL F 104 -24.62 -2.29 0.17
N LEU F 105 -23.49 -1.81 -0.36
CA LEU F 105 -22.56 -1.05 0.52
C LEU F 105 -23.18 0.30 0.89
N PHE F 106 -23.88 0.91 -0.08
CA PHE F 106 -24.46 2.22 0.15
C PHE F 106 -25.74 2.19 0.98
N GLU F 107 -26.54 1.15 0.79
CA GLU F 107 -27.76 1.01 1.57
C GLU F 107 -27.48 0.68 3.02
N GLU F 108 -26.41 -0.11 3.28
CA GLU F 108 -26.05 -0.34 4.71
C GLU F 108 -25.54 0.96 5.30
N ARG F 109 -25.07 1.95 4.56
CA ARG F 109 -24.69 3.24 5.17
C ARG F 109 -25.85 4.24 5.18
N GLY F 110 -27.06 3.80 4.82
CA GLY F 110 -28.19 4.74 4.89
C GLY F 110 -28.44 5.51 3.61
N TYR F 111 -27.72 5.30 2.49
CA TYR F 111 -28.06 6.11 1.30
C TYR F 111 -29.26 5.53 0.56
N GLU F 112 -29.96 6.38 -0.19
CA GLU F 112 -30.92 5.91 -1.19
C GLU F 112 -30.14 5.42 -2.42
N VAL F 113 -30.61 4.32 -2.98
CA VAL F 113 -30.08 3.77 -4.21
C VAL F 113 -31.22 3.55 -5.23
N LYS F 114 -31.03 4.01 -6.45
CA LYS F 114 -31.96 3.82 -7.53
C LYS F 114 -31.29 3.16 -8.74
N ARG F 115 -32.07 2.33 -9.42
CA ARG F 115 -31.57 1.70 -10.65
C ARG F 115 -31.73 2.69 -11.81
N PRO F 116 -30.69 2.94 -12.56
CA PRO F 116 -30.81 3.84 -13.70
C PRO F 116 -31.47 3.07 -14.85
N GLU F 117 -32.03 3.79 -15.80
CA GLU F 117 -32.55 3.18 -17.05
C GLU F 117 -31.41 2.72 -17.96
N MET F 118 -31.48 1.60 -18.63
CA MET F 118 -30.58 1.25 -19.70
C MET F 118 -31.12 1.70 -21.08
N PHE F 119 -30.23 2.17 -21.92
CA PHE F 119 -30.64 2.72 -23.21
C PHE F 119 -29.87 1.92 -24.26
N ASN F 120 -30.55 1.17 -25.12
CA ASN F 120 -29.91 0.58 -26.28
C ASN F 120 -28.69 -0.28 -25.94
N ARG F 121 -28.83 -1.16 -24.95
CA ARG F 121 -27.75 -1.89 -24.38
C ARG F 121 -27.04 -2.85 -25.31
N LYS F 122 -27.62 -3.29 -26.42
CA LYS F 122 -26.89 -4.14 -27.35
C LYS F 122 -25.82 -3.35 -28.09
N GLU F 123 -25.80 -2.03 -28.04
CA GLU F 123 -24.83 -1.23 -28.78
C GLU F 123 -24.02 -0.39 -27.77
N TYR F 124 -24.73 0.21 -26.83
CA TYR F 124 -24.16 1.22 -25.92
C TYR F 124 -23.60 0.45 -24.70
N SER F 125 -22.41 -0.05 -24.87
CA SER F 125 -21.75 -0.99 -23.96
C SER F 125 -20.26 -0.94 -24.23
N GLY F 126 -19.48 -0.54 -23.22
CA GLY F 126 -18.02 -0.50 -23.40
C GLY F 126 -17.58 -1.81 -24.03
N THR F 127 -17.96 -2.93 -23.44
CA THR F 127 -17.58 -4.23 -23.98
C THR F 127 -17.87 -4.39 -25.46
N GLU F 128 -19.04 -3.98 -25.90
CA GLU F 128 -19.36 -4.06 -27.34
C GLU F 128 -18.57 -3.11 -28.22
N ILE F 129 -18.31 -1.89 -27.64
CA ILE F 129 -17.46 -0.90 -28.33
C ILE F 129 -16.07 -1.45 -28.61
N ARG F 130 -15.40 -1.87 -27.54
CA ARG F 130 -14.00 -2.35 -27.62
C ARG F 130 -13.98 -3.50 -28.63
N ARG F 131 -14.98 -4.39 -28.49
CA ARG F 131 -15.00 -5.54 -29.45
C ARG F 131 -15.05 -5.08 -30.89
N ARG F 132 -15.86 -4.11 -31.23
CA ARG F 132 -15.80 -3.53 -32.61
C ARG F 132 -14.50 -2.82 -32.94
N MET F 133 -13.92 -2.06 -31.96
CA MET F 133 -12.63 -1.42 -32.27
C MET F 133 -11.61 -2.48 -32.66
N LEU F 134 -11.65 -3.67 -32.03
CA LEU F 134 -10.68 -4.69 -32.30
C LEU F 134 -10.96 -5.31 -33.69
N ASN F 135 -12.23 -5.53 -34.00
CA ASN F 135 -12.50 -6.38 -35.19
C ASN F 135 -12.76 -5.58 -36.45
N GLY F 136 -12.60 -4.26 -36.38
CA GLY F 136 -12.72 -3.48 -37.64
C GLY F 136 -14.15 -3.03 -37.84
N GLU F 137 -15.05 -3.19 -36.90
CA GLU F 137 -16.45 -2.79 -37.17
C GLU F 137 -16.66 -1.34 -36.76
N LYS F 138 -17.72 -0.67 -37.16
CA LYS F 138 -17.74 0.80 -37.16
C LYS F 138 -18.43 1.41 -35.96
N TRP F 139 -17.67 1.75 -34.92
CA TRP F 139 -18.07 2.17 -33.61
C TRP F 139 -18.25 3.65 -33.27
N GLU F 140 -17.90 4.59 -34.17
CA GLU F 140 -17.82 6.00 -33.75
C GLU F 140 -19.20 6.54 -33.48
N HIS F 141 -20.21 5.88 -34.04
CA HIS F 141 -21.56 6.44 -33.86
C HIS F 141 -22.13 6.09 -32.50
N LEU F 142 -21.40 5.29 -31.73
CA LEU F 142 -21.82 4.77 -30.45
C LEU F 142 -21.40 5.66 -29.29
N VAL F 143 -20.41 6.51 -29.52
CA VAL F 143 -19.92 7.45 -28.49
C VAL F 143 -20.04 8.90 -28.96
N PRO F 144 -19.95 9.85 -28.04
CA PRO F 144 -19.98 11.27 -28.39
C PRO F 144 -18.82 11.57 -29.29
N LYS F 145 -19.01 12.53 -30.21
CA LYS F 145 -17.91 13.03 -31.03
C LYS F 145 -16.71 13.41 -30.21
N ALA F 146 -16.88 14.12 -29.11
CA ALA F 146 -15.72 14.43 -28.23
C ALA F 146 -14.91 13.19 -27.89
N VAL F 147 -15.58 12.05 -27.60
CA VAL F 147 -14.83 10.82 -27.30
C VAL F 147 -14.06 10.35 -28.50
N VAL F 148 -14.66 10.32 -29.68
CA VAL F 148 -13.96 10.02 -30.92
C VAL F 148 -12.67 10.83 -31.07
N ASP F 149 -12.83 12.15 -31.09
CA ASP F 149 -11.66 13.05 -30.95
C ASP F 149 -10.60 12.49 -30.01
N VAL F 150 -10.96 12.30 -28.74
CA VAL F 150 -9.96 11.95 -27.72
C VAL F 150 -9.26 10.67 -28.15
N ILE F 151 -10.05 9.63 -28.51
CA ILE F 151 -9.53 8.34 -28.91
C ILE F 151 -8.58 8.36 -30.08
N LYS F 152 -8.86 9.19 -31.09
CA LYS F 152 -7.84 9.64 -32.05
C LYS F 152 -6.60 10.36 -31.54
N GLU F 153 -6.63 11.38 -30.73
CA GLU F 153 -5.48 12.04 -30.11
C GLU F 153 -4.57 10.97 -29.52
N ILE F 154 -5.12 9.96 -28.80
CA ILE F 154 -4.22 9.16 -27.95
C ILE F 154 -3.87 7.85 -28.64
N LYS F 155 -4.37 7.73 -29.86
CA LYS F 155 -4.42 6.52 -30.65
C LYS F 155 -4.93 5.28 -29.90
N GLY F 156 -6.12 5.34 -29.37
CA GLY F 156 -6.55 4.30 -28.42
C GLY F 156 -6.91 2.98 -29.12
N VAL F 157 -7.44 3.07 -30.35
CA VAL F 157 -7.76 1.86 -31.10
C VAL F 157 -6.50 1.07 -31.39
N GLU F 158 -5.46 1.79 -31.84
CA GLU F 158 -4.15 1.19 -32.08
C GLU F 158 -3.67 0.50 -30.78
N ARG F 159 -3.71 1.22 -29.66
CA ARG F 159 -3.30 0.60 -28.38
C ARG F 159 -3.99 -0.74 -28.16
N LEU F 160 -5.31 -0.71 -28.30
CA LEU F 160 -6.12 -1.92 -28.03
C LEU F 160 -5.76 -3.07 -28.95
N ARG F 161 -5.52 -2.83 -30.26
CA ARG F 161 -5.16 -3.89 -31.19
C ARG F 161 -3.76 -4.42 -30.90
N LYS F 162 -2.82 -3.53 -30.51
CA LYS F 162 -1.51 -4.01 -30.10
C LYS F 162 -1.66 -4.92 -28.88
N LEU F 163 -2.55 -4.61 -27.94
CA LEU F 163 -2.57 -5.37 -26.68
C LEU F 163 -3.22 -6.74 -26.92
N ALA F 164 -4.05 -6.80 -27.96
CA ALA F 164 -4.63 -8.05 -28.37
C ALA F 164 -3.70 -8.90 -29.25
#